data_8ROZ
#
_entry.id   8ROZ
#
loop_
_entity.id
_entity.type
_entity.pdbx_description
1 polymer 'Cyclin-dependent kinase 2'
2 polymer Cyclin-A2
3 polymer 'M-phase inducer phosphatase 1'
#
loop_
_entity_poly.entity_id
_entity_poly.type
_entity_poly.pdbx_seq_one_letter_code
_entity_poly.pdbx_strand_id
1 'polypeptide(L)'
;MENFQKVEKIGEGT(PTR)GVVYKARNKLTGEVVALKKIRLDTETEGVPSTAIREISLLKELNHPNIVKLLDVIHTENKL
YLVFEFLHQDLKKFMDASALTGIPLPLIKSYLFQLLQGLAFCHSHRVLHRDLKPQNLLINTEGAIKLADFGLARAFGVPV
RTY(TPO)HEVVTLWYRAPEILLGCKYYSTAVDIWSLGCIFAEMVTRRALFPGDSEIDQLFRIFRTLGTPDEVVWPGVTS
MPDYKPSFPKWARQDFSKVVPPLDEDGRSLLSQMLHYDPNKRISAKAALAHPFFQDVTKPVPHLRL
;
A
2 'polypeptide(L)'
;MGVNEVPDYHEDIHTYLREMEVKCKPKVGYMKKQPDITNSMRAILVDWLVEVGEEYKLQNETLHLAVNYIDRFLSSMSVL
RGKLQLVGTAAMLLASKFEEIYPPEVAEFVYITDDTYTKKQVLRMEHLVLKVLAFDLAAPTINQFLTQYFLHQQPANCKV
ESLAMFLGELSLIDADPYLKYLPSVIAAAAFHLALYTVTGQSWPESLVQKTGYTLETLKPCLLDLHQTYLRAPQHAQQSI
REKYKNSKYHGVSLLNPPETLNV
;
B
3 'polypeptide(L)'
;SMVIGDFSKGYLFHTVAGKHQDLKYISPEIMASVLNGKFANLIKEFVIIDCRYPYEYEGGHIKGAVNLHMEEEVEDFLLK
KPIVPTDGKRVIVVFHSEFSSERGPRMCRYVRERDRLGNEYPKLHYPELYVLKGGYKEFFMKCQSYCEPPSYRPMHHEDF
KEDLKKFRTKSRTWAGEKSKREMYSRLKKL
;
C
#
# COMPACT_ATOMS: atom_id res chain seq x y z
N MET A 1 13.64 19.87 11.48
CA MET A 1 15.00 20.30 11.74
C MET A 1 15.02 21.63 12.50
N GLU A 2 16.21 22.24 12.59
CA GLU A 2 16.35 23.49 13.32
C GLU A 2 15.53 24.63 12.72
N ASN A 3 15.16 24.52 11.44
CA ASN A 3 14.37 25.58 10.82
C ASN A 3 12.97 25.64 11.41
N PHE A 4 12.40 24.50 11.78
CA PHE A 4 11.04 24.43 12.30
C PHE A 4 11.08 24.38 13.83
N GLN A 5 10.38 25.31 14.47
CA GLN A 5 10.31 25.37 15.92
C GLN A 5 9.18 24.46 16.40
N LYS A 6 9.55 23.33 17.00
CA LYS A 6 8.55 22.38 17.49
C LYS A 6 7.70 23.03 18.58
N VAL A 7 6.39 22.87 18.48
CA VAL A 7 5.46 23.49 19.43
C VAL A 7 4.73 22.40 20.20
N GLU A 8 4.00 21.55 19.48
CA GLU A 8 3.22 20.49 20.09
C GLU A 8 3.59 19.16 19.44
N LYS A 9 3.28 18.07 20.13
CA LYS A 9 3.62 16.74 19.65
C LYS A 9 2.47 15.79 19.96
N ILE A 10 1.97 15.10 18.93
CA ILE A 10 0.92 14.11 19.14
C ILE A 10 1.33 12.81 18.46
N GLY A 11 0.85 11.70 19.02
CA GLY A 11 1.29 10.37 18.66
C GLY A 11 2.08 9.75 19.78
N GLU A 12 1.45 8.89 20.56
CA GLU A 12 2.09 8.29 21.72
C GLU A 12 3.20 7.35 21.27
N GLY A 13 4.39 7.51 21.86
CA GLY A 13 5.50 6.66 21.54
C GLY A 13 6.17 7.03 20.23
N THR A 14 7.15 6.21 19.86
CA THR A 14 7.90 6.41 18.63
C THR A 14 7.28 5.62 17.47
N PTR A 15 6.03 5.90 17.18
CA PTR A 15 5.31 5.20 16.11
C PTR A 15 4.72 6.17 15.11
O PTR A 15 3.50 6.41 15.11
CB PTR A 15 4.20 4.33 16.70
CG PTR A 15 4.66 3.38 17.77
CD1 PTR A 15 5.14 2.11 17.46
CD2 PTR A 15 4.62 3.74 19.11
CE1 PTR A 15 5.57 1.24 18.44
CE2 PTR A 15 5.04 2.88 20.10
CZ PTR A 15 5.51 1.63 19.76
OH PTR A 15 5.90 0.80 20.68
P PTR A 15 4.89 -0.32 21.23
O1P PTR A 15 4.45 -1.22 20.07
O2P PTR A 15 5.58 -1.13 22.25
O3P PTR A 15 3.65 0.35 21.86
N GLY A 16 5.56 6.73 14.24
CA GLY A 16 5.11 7.72 13.29
C GLY A 16 4.56 8.95 13.97
N VAL A 17 5.16 9.30 15.11
CA VAL A 17 4.71 10.45 15.88
C VAL A 17 4.85 11.72 15.04
N VAL A 18 3.84 12.59 15.12
CA VAL A 18 3.85 13.82 14.35
C VAL A 18 3.97 15.00 15.30
N TYR A 19 4.56 16.08 14.80
CA TYR A 19 4.83 17.27 15.58
C TYR A 19 4.18 18.48 14.90
N LYS A 20 3.31 19.18 15.63
CA LYS A 20 2.77 20.44 15.15
C LYS A 20 3.80 21.52 15.43
N ALA A 21 4.49 21.97 14.37
CA ALA A 21 5.54 22.96 14.48
C ALA A 21 5.14 24.23 13.75
N ARG A 22 5.91 25.29 13.99
CA ARG A 22 5.71 26.57 13.34
C ARG A 22 6.99 26.99 12.66
N ASN A 23 6.88 27.44 11.41
CA ASN A 23 8.05 27.90 10.68
C ASN A 23 8.63 29.14 11.35
N LYS A 24 9.93 29.10 11.61
CA LYS A 24 10.57 30.17 12.39
C LYS A 24 10.52 31.51 11.67
N LEU A 25 10.75 31.51 10.36
CA LEU A 25 10.87 32.77 9.63
C LEU A 25 9.55 33.27 9.06
N THR A 26 8.71 32.38 8.55
CA THR A 26 7.46 32.79 7.91
C THR A 26 6.23 32.59 8.79
N GLY A 27 6.38 31.95 9.94
CA GLY A 27 5.24 31.77 10.84
C GLY A 27 4.13 30.92 10.28
N GLU A 28 4.47 29.81 9.64
CA GLU A 28 3.50 28.89 9.07
C GLU A 28 3.42 27.64 9.94
N VAL A 29 2.20 27.22 10.26
CA VAL A 29 1.97 26.03 11.07
C VAL A 29 1.99 24.81 10.16
N VAL A 30 2.85 23.85 10.47
CA VAL A 30 3.04 22.65 9.67
C VAL A 30 3.03 21.43 10.60
N ALA A 31 2.89 20.26 9.99
CA ALA A 31 2.94 18.99 10.70
C ALA A 31 4.13 18.21 10.19
N LEU A 32 5.06 17.88 11.07
CA LEU A 32 6.25 17.12 10.72
C LEU A 32 6.01 15.67 11.06
N LYS A 33 6.15 14.80 10.06
CA LYS A 33 6.06 13.36 10.23
C LYS A 33 7.46 12.78 10.17
N LYS A 34 7.83 12.01 11.18
CA LYS A 34 9.19 11.55 11.38
C LYS A 34 9.33 10.10 10.91
N ILE A 35 10.37 9.84 10.12
CA ILE A 35 10.69 8.50 9.64
C ILE A 35 12.14 8.21 10.00
N ARG A 36 12.36 7.08 10.68
CA ARG A 36 13.69 6.72 11.16
C ARG A 36 14.38 5.83 10.14
N LEU A 37 15.62 6.19 9.80
CA LEU A 37 16.43 5.39 8.90
C LEU A 37 17.66 4.77 9.57
N ASP A 38 18.11 5.30 10.71
CA ASP A 38 19.19 4.67 11.45
C ASP A 38 18.75 3.32 12.00
N THR A 39 17.52 3.21 12.48
CA THR A 39 16.96 1.94 12.93
C THR A 39 16.46 1.08 11.78
N GLU A 40 16.30 1.65 10.58
CA GLU A 40 15.88 0.89 9.41
C GLU A 40 17.12 0.26 8.78
N THR A 41 17.21 -1.06 8.86
CA THR A 41 18.38 -1.76 8.33
C THR A 41 18.42 -1.81 6.82
N GLU A 42 17.35 -1.42 6.13
CA GLU A 42 17.24 -1.54 4.68
C GLU A 42 16.98 -0.18 4.04
N GLY A 43 17.61 0.87 4.56
CA GLY A 43 17.49 2.18 3.95
C GLY A 43 16.11 2.79 4.14
N VAL A 44 15.77 3.68 3.22
CA VAL A 44 14.48 4.36 3.27
C VAL A 44 13.36 3.35 3.05
N PRO A 45 12.31 3.34 3.87
CA PRO A 45 11.25 2.35 3.70
C PRO A 45 10.50 2.53 2.39
N SER A 46 9.96 1.42 1.89
CA SER A 46 9.19 1.48 0.65
C SER A 46 7.93 2.30 0.80
N THR A 47 7.29 2.24 1.97
CA THR A 47 6.08 3.02 2.21
C THR A 47 6.38 4.52 2.13
N ALA A 48 7.47 4.95 2.78
CA ALA A 48 7.84 6.36 2.73
C ALA A 48 8.19 6.80 1.32
N ILE A 49 8.94 5.95 0.59
CA ILE A 49 9.32 6.28 -0.78
C ILE A 49 8.08 6.46 -1.65
N ARG A 50 7.12 5.52 -1.54
CA ARG A 50 5.90 5.63 -2.33
C ARG A 50 5.09 6.86 -1.93
N GLU A 51 4.98 7.13 -0.64
CA GLU A 51 4.19 8.28 -0.19
C GLU A 51 4.78 9.59 -0.68
N ILE A 52 6.11 9.75 -0.59
CA ILE A 52 6.73 10.98 -1.05
C ILE A 52 6.64 11.10 -2.57
N SER A 53 6.85 10.00 -3.29
CA SER A 53 6.80 10.05 -4.75
C SER A 53 5.40 10.40 -5.23
N LEU A 54 4.36 9.84 -4.62
CA LEU A 54 3.01 10.01 -5.10
C LEU A 54 2.33 11.27 -4.57
N LEU A 55 2.76 11.78 -3.41
CA LEU A 55 2.17 12.99 -2.88
C LEU A 55 2.73 14.26 -3.52
N LYS A 56 3.86 14.17 -4.22
CA LYS A 56 4.41 15.32 -4.92
C LYS A 56 3.70 15.61 -6.24
N GLU A 57 2.87 14.68 -6.73
CA GLU A 57 2.12 14.89 -7.96
C GLU A 57 0.65 15.19 -7.72
N LEU A 58 0.13 14.87 -6.54
CA LEU A 58 -1.29 15.03 -6.24
C LEU A 58 -1.50 16.42 -5.66
N ASN A 59 -1.90 17.37 -6.50
CA ASN A 59 -2.17 18.74 -6.12
C ASN A 59 -3.67 19.00 -6.28
N HIS A 60 -4.41 18.79 -5.20
CA HIS A 60 -5.85 19.02 -5.19
C HIS A 60 -6.23 19.72 -3.89
N PRO A 61 -7.31 20.50 -3.90
CA PRO A 61 -7.79 21.07 -2.65
C PRO A 61 -8.19 20.03 -1.62
N ASN A 62 -8.56 18.83 -2.04
CA ASN A 62 -9.02 17.78 -1.15
C ASN A 62 -7.98 16.69 -0.93
N ILE A 63 -6.70 17.00 -1.14
CA ILE A 63 -5.60 16.09 -0.85
C ILE A 63 -4.59 16.85 -0.01
N VAL A 64 -4.08 16.21 1.04
CA VAL A 64 -3.13 16.86 1.93
C VAL A 64 -1.89 17.27 1.15
N LYS A 65 -1.26 18.35 1.58
CA LYS A 65 -0.16 18.97 0.84
C LYS A 65 1.17 18.59 1.47
N LEU A 66 2.10 18.11 0.64
CA LEU A 66 3.46 17.84 1.07
C LEU A 66 4.30 19.07 0.73
N LEU A 67 4.46 19.96 1.71
CA LEU A 67 5.15 21.22 1.48
C LEU A 67 6.64 21.00 1.23
N ASP A 68 7.27 20.14 2.01
CA ASP A 68 8.72 19.97 1.93
C ASP A 68 9.10 18.61 2.50
N VAL A 69 10.29 18.15 2.12
CA VAL A 69 10.89 16.93 2.67
C VAL A 69 12.29 17.28 3.13
N ILE A 70 12.57 17.05 4.41
CA ILE A 70 13.89 17.27 4.97
C ILE A 70 14.64 15.94 4.94
N HIS A 71 15.68 15.87 4.12
CA HIS A 71 16.40 14.63 3.87
C HIS A 71 17.71 14.63 4.63
N THR A 72 17.92 13.61 5.45
CA THR A 72 19.15 13.44 6.22
C THR A 72 19.51 11.96 6.24
N GLU A 73 20.81 11.69 6.42
CA GLU A 73 21.30 10.32 6.37
C GLU A 73 20.79 9.46 7.51
N ASN A 74 20.22 10.05 8.56
CA ASN A 74 19.69 9.28 9.68
C ASN A 74 18.22 9.58 9.98
N LYS A 75 17.67 10.66 9.46
CA LYS A 75 16.28 11.03 9.72
C LYS A 75 15.62 11.48 8.44
N LEU A 76 14.31 11.29 8.36
CA LEU A 76 13.51 11.78 7.24
C LEU A 76 12.31 12.51 7.81
N TYR A 77 12.07 13.73 7.33
CA TYR A 77 10.98 14.55 7.83
C TYR A 77 10.07 14.92 6.68
N LEU A 78 8.79 14.60 6.81
CA LEU A 78 7.78 14.98 5.84
C LEU A 78 6.98 16.14 6.40
N VAL A 79 7.03 17.28 5.71
CA VAL A 79 6.35 18.50 6.15
C VAL A 79 5.00 18.55 5.44
N PHE A 80 3.92 18.55 6.21
CA PHE A 80 2.56 18.62 5.69
C PHE A 80 1.90 19.91 6.16
N GLU A 81 0.90 20.34 5.41
CA GLU A 81 0.06 21.43 5.88
C GLU A 81 -0.74 20.96 7.09
N PHE A 82 -0.93 21.86 8.05
CA PHE A 82 -1.56 21.47 9.31
C PHE A 82 -3.07 21.53 9.18
N LEU A 83 -3.73 20.42 9.55
CA LEU A 83 -5.17 20.34 9.65
C LEU A 83 -5.54 19.96 11.07
N HIS A 84 -6.59 20.58 11.60
CA HIS A 84 -6.83 20.56 13.04
C HIS A 84 -7.08 19.15 13.55
N GLN A 85 -8.02 18.43 12.93
CA GLN A 85 -8.39 17.12 13.46
C GLN A 85 -8.87 16.22 12.34
N ASP A 86 -8.81 14.92 12.58
CA ASP A 86 -9.29 13.93 11.64
C ASP A 86 -10.81 13.75 11.79
N LEU A 87 -11.39 13.00 10.86
CA LEU A 87 -12.83 12.82 10.85
C LEU A 87 -13.30 11.97 12.01
N LYS A 88 -12.48 11.02 12.46
CA LYS A 88 -12.87 10.18 13.60
C LYS A 88 -13.06 11.02 14.86
N LYS A 89 -12.15 11.97 15.10
CA LYS A 89 -12.29 12.86 16.24
C LYS A 89 -13.54 13.72 16.12
N PHE A 90 -13.84 14.18 14.91
CA PHE A 90 -15.04 14.99 14.69
C PHE A 90 -16.30 14.19 14.99
N MET A 91 -16.35 12.94 14.52
CA MET A 91 -17.51 12.10 14.80
C MET A 91 -17.63 11.78 16.29
N ASP A 92 -16.49 11.55 16.96
CA ASP A 92 -16.53 11.30 18.40
C ASP A 92 -17.04 12.51 19.16
N ALA A 93 -16.59 13.71 18.78
CA ALA A 93 -17.09 14.92 19.42
C ALA A 93 -18.55 15.17 19.08
N SER A 94 -18.98 14.84 17.86
CA SER A 94 -20.35 14.99 17.43
C SER A 94 -21.15 13.70 17.57
N ALA A 95 -20.81 12.86 18.55
CA ALA A 95 -21.48 11.59 18.73
C ALA A 95 -22.86 11.72 19.37
N LEU A 96 -23.17 12.87 19.97
CA LEU A 96 -24.46 13.05 20.63
C LEU A 96 -25.54 13.44 19.63
N THR A 97 -25.38 14.58 18.96
CA THR A 97 -26.38 15.06 18.02
C THR A 97 -26.14 14.58 16.60
N GLY A 98 -24.94 14.11 16.28
CA GLY A 98 -24.63 13.64 14.95
C GLY A 98 -24.18 14.76 14.03
N ILE A 99 -23.55 14.36 12.94
CA ILE A 99 -23.13 15.31 11.90
C ILE A 99 -24.36 15.69 11.07
N PRO A 100 -24.63 16.98 10.90
CA PRO A 100 -25.81 17.38 10.11
C PRO A 100 -25.72 16.87 8.69
N LEU A 101 -26.89 16.55 8.12
CA LEU A 101 -26.92 15.97 6.78
C LEU A 101 -26.27 16.84 5.71
N PRO A 102 -26.48 18.17 5.66
CA PRO A 102 -25.73 18.97 4.68
C PRO A 102 -24.22 18.86 4.84
N LEU A 103 -23.73 18.77 6.07
CA LEU A 103 -22.30 18.60 6.29
C LEU A 103 -21.83 17.24 5.79
N ILE A 104 -22.63 16.20 6.00
CA ILE A 104 -22.28 14.87 5.48
C ILE A 104 -22.22 14.91 3.96
N LYS A 105 -23.19 15.58 3.34
CA LYS A 105 -23.21 15.67 1.87
C LYS A 105 -21.99 16.42 1.36
N SER A 106 -21.63 17.53 2.00
CA SER A 106 -20.47 18.29 1.57
C SER A 106 -19.18 17.49 1.76
N TYR A 107 -19.05 16.80 2.89
CA TYR A 107 -17.85 16.00 3.14
C TYR A 107 -17.74 14.87 2.14
N LEU A 108 -18.84 14.19 1.83
CA LEU A 108 -18.81 13.10 0.85
C LEU A 108 -18.48 13.62 -0.54
N PHE A 109 -19.04 14.78 -0.91
CA PHE A 109 -18.72 15.39 -2.20
C PHE A 109 -17.22 15.69 -2.30
N GLN A 110 -16.65 16.29 -1.25
CA GLN A 110 -15.23 16.62 -1.29
C GLN A 110 -14.36 15.37 -1.32
N LEU A 111 -14.73 14.34 -0.55
CA LEU A 111 -13.96 13.10 -0.57
C LEU A 111 -14.02 12.44 -1.94
N LEU A 112 -15.18 12.48 -2.58
CA LEU A 112 -15.30 11.90 -3.91
C LEU A 112 -14.49 12.67 -4.94
N GLN A 113 -14.44 14.00 -4.82
CA GLN A 113 -13.58 14.78 -5.72
C GLN A 113 -12.11 14.44 -5.52
N GLY A 114 -11.67 14.33 -4.25
CA GLY A 114 -10.29 13.96 -3.99
C GLY A 114 -9.96 12.58 -4.51
N LEU A 115 -10.87 11.62 -4.34
CA LEU A 115 -10.63 10.26 -4.83
C LEU A 115 -10.63 10.22 -6.35
N ALA A 116 -11.49 11.00 -7.01
CA ALA A 116 -11.47 11.07 -8.45
C ALA A 116 -10.15 11.64 -8.96
N PHE A 117 -9.64 12.67 -8.29
CA PHE A 117 -8.33 13.20 -8.65
C PHE A 117 -7.24 12.16 -8.45
N CYS A 118 -7.30 11.41 -7.35
CA CYS A 118 -6.30 10.37 -7.10
C CYS A 118 -6.35 9.29 -8.18
N HIS A 119 -7.54 8.86 -8.56
CA HIS A 119 -7.69 7.77 -9.52
C HIS A 119 -7.37 8.19 -10.95
N SER A 120 -7.68 9.43 -11.32
CA SER A 120 -7.30 9.92 -12.64
C SER A 120 -5.79 10.08 -12.80
N HIS A 121 -5.04 10.03 -11.69
CA HIS A 121 -3.59 10.07 -11.71
C HIS A 121 -2.98 8.71 -11.35
N ARG A 122 -3.73 7.64 -11.56
CA ARG A 122 -3.28 6.24 -11.41
C ARG A 122 -2.83 5.90 -9.99
N VAL A 123 -3.26 6.67 -8.98
CA VAL A 123 -2.90 6.41 -7.60
C VAL A 123 -4.06 5.71 -6.90
N LEU A 124 -3.76 4.64 -6.18
CA LEU A 124 -4.71 3.92 -5.35
C LEU A 124 -4.40 4.22 -3.89
N HIS A 125 -5.33 4.87 -3.19
CA HIS A 125 -5.08 5.22 -1.79
C HIS A 125 -4.95 3.98 -0.92
N ARG A 126 -5.93 3.08 -0.99
CA ARG A 126 -5.92 1.77 -0.36
C ARG A 126 -5.89 1.82 1.18
N ASP A 127 -6.00 3.00 1.77
CA ASP A 127 -6.03 3.14 3.23
C ASP A 127 -7.05 4.20 3.65
N LEU A 128 -8.24 4.15 3.07
CA LEU A 128 -9.26 5.15 3.36
C LEU A 128 -10.04 4.77 4.61
N LYS A 129 -9.98 5.63 5.62
CA LYS A 129 -10.71 5.45 6.86
C LYS A 129 -10.86 6.81 7.53
N PRO A 130 -11.79 6.96 8.47
CA PRO A 130 -11.97 8.27 9.10
C PRO A 130 -10.74 8.80 9.79
N GLN A 131 -9.81 7.94 10.20
CA GLN A 131 -8.59 8.41 10.82
C GLN A 131 -7.64 9.04 9.82
N ASN A 132 -7.83 8.80 8.53
CA ASN A 132 -6.96 9.33 7.49
C ASN A 132 -7.57 10.52 6.76
N LEU A 133 -8.76 10.95 7.15
CA LEU A 133 -9.43 12.09 6.54
C LEU A 133 -9.35 13.27 7.50
N LEU A 134 -8.66 14.34 7.08
CA LEU A 134 -8.40 15.47 7.94
C LEU A 134 -9.30 16.63 7.58
N ILE A 135 -9.96 17.20 8.58
CA ILE A 135 -10.84 18.35 8.38
C ILE A 135 -10.16 19.59 8.92
N ASN A 136 -10.72 20.75 8.57
CA ASN A 136 -10.22 22.01 9.11
C ASN A 136 -11.37 22.90 9.59
N THR A 137 -11.05 24.12 10.01
CA THR A 137 -12.08 25.02 10.55
C THR A 137 -12.98 25.56 9.45
N GLU A 138 -12.44 25.80 8.25
CA GLU A 138 -13.24 26.40 7.19
C GLU A 138 -14.29 25.46 6.63
N GLY A 139 -14.10 24.14 6.75
CA GLY A 139 -15.08 23.20 6.28
C GLY A 139 -14.63 22.35 5.12
N ALA A 140 -13.32 22.11 5.03
CA ALA A 140 -12.73 21.31 3.96
C ALA A 140 -12.17 20.03 4.55
N ILE A 141 -12.45 18.90 3.88
CA ILE A 141 -11.93 17.60 4.29
C ILE A 141 -11.00 17.11 3.20
N LYS A 142 -9.86 16.53 3.61
CA LYS A 142 -8.81 16.13 2.70
C LYS A 142 -8.35 14.71 3.00
N LEU A 143 -7.99 13.98 1.95
CA LEU A 143 -7.37 12.67 2.11
C LEU A 143 -5.96 12.83 2.65
N ALA A 144 -5.53 11.88 3.48
CA ALA A 144 -4.21 11.91 4.07
C ALA A 144 -3.70 10.48 4.24
N ASP A 145 -2.50 10.37 4.80
CA ASP A 145 -1.87 9.09 5.10
C ASP A 145 -1.74 8.23 3.83
N PHE A 146 -0.96 8.73 2.88
CA PHE A 146 -0.71 8.05 1.63
C PHE A 146 0.42 7.04 1.72
N GLY A 147 0.73 6.56 2.92
CA GLY A 147 1.78 5.57 3.06
C GLY A 147 1.47 4.27 2.35
N LEU A 148 0.21 3.89 2.30
CA LEU A 148 -0.23 2.68 1.62
C LEU A 148 -0.60 2.90 0.16
N ALA A 149 -0.44 4.12 -0.34
CA ALA A 149 -0.81 4.42 -1.71
C ALA A 149 0.08 3.69 -2.70
N ARG A 150 -0.46 3.43 -3.89
CA ARG A 150 0.26 2.75 -4.94
C ARG A 150 -0.16 3.30 -6.29
N ALA A 151 0.77 3.29 -7.25
CA ALA A 151 0.51 3.71 -8.62
C ALA A 151 0.26 2.46 -9.45
N PHE A 152 -0.94 2.37 -10.04
CA PHE A 152 -1.34 1.19 -10.79
C PHE A 152 -1.25 1.45 -12.29
N GLY A 153 -1.39 0.36 -13.06
CA GLY A 153 -1.38 0.42 -14.50
C GLY A 153 -2.75 0.08 -15.08
N VAL A 154 -2.86 0.25 -16.39
CA VAL A 154 -4.08 0.02 -17.12
C VAL A 154 -3.82 -1.06 -18.17
N PRO A 155 -4.25 -2.31 -17.93
CA PRO A 155 -4.97 -2.80 -16.75
C PRO A 155 -4.05 -3.11 -15.58
N VAL A 156 -4.63 -3.32 -14.39
CA VAL A 156 -3.82 -3.53 -13.20
C VAL A 156 -3.24 -4.95 -13.20
N ARG A 157 -2.23 -5.14 -12.36
CA ARG A 157 -1.62 -6.43 -12.09
C ARG A 157 -2.06 -6.91 -10.72
N THR A 158 -1.45 -8.01 -10.27
CA THR A 158 -1.65 -8.49 -8.91
C THR A 158 -0.80 -7.65 -7.96
N TYR A 159 -1.47 -6.97 -7.02
CA TYR A 159 -0.77 -6.09 -6.09
C TYR A 159 -0.78 -6.67 -4.69
N TPO A 160 -0.47 -5.85 -3.70
CA TPO A 160 -0.39 -6.26 -2.31
CB TPO A 160 0.27 -5.18 -1.47
CG2 TPO A 160 0.14 -5.49 0.02
OG1 TPO A 160 1.64 -5.11 -1.80
P TPO A 160 1.92 -3.73 -2.57
O1P TPO A 160 2.06 -3.99 -4.15
O2P TPO A 160 0.83 -2.78 -2.32
O3P TPO A 160 3.30 -3.10 -2.03
C TPO A 160 -1.77 -6.61 -1.77
O TPO A 160 -2.73 -5.85 -1.92
N HIS A 161 -1.89 -7.78 -1.13
CA HIS A 161 -3.17 -8.29 -0.66
C HIS A 161 -3.62 -7.63 0.64
N GLU A 162 -2.73 -7.58 1.63
CA GLU A 162 -3.06 -7.06 2.96
C GLU A 162 -2.89 -5.54 2.94
N VAL A 163 -3.94 -4.83 2.55
CA VAL A 163 -3.84 -3.37 2.43
C VAL A 163 -4.86 -2.66 3.31
N VAL A 164 -6.14 -2.78 2.99
CA VAL A 164 -7.13 -1.91 3.60
C VAL A 164 -7.43 -2.37 5.02
N THR A 165 -7.79 -1.41 5.88
CA THR A 165 -8.22 -1.73 7.23
C THR A 165 -9.43 -2.66 7.18
N LEU A 166 -9.42 -3.66 8.05
CA LEU A 166 -10.40 -4.75 7.96
C LEU A 166 -11.84 -4.24 7.96
N TRP A 167 -12.12 -3.18 8.72
CA TRP A 167 -13.47 -2.65 8.76
C TRP A 167 -13.92 -2.10 7.42
N TYR A 168 -12.98 -1.60 6.61
CA TYR A 168 -13.28 -0.95 5.36
C TYR A 168 -12.73 -1.72 4.16
N ARG A 169 -12.44 -3.01 4.34
CA ARG A 169 -11.87 -3.82 3.28
C ARG A 169 -12.97 -4.33 2.36
N ALA A 170 -12.73 -4.24 1.05
CA ALA A 170 -13.71 -4.65 0.06
C ALA A 170 -13.87 -6.18 0.09
N PRO A 171 -15.04 -6.69 -0.30
CA PRO A 171 -15.23 -8.15 -0.31
C PRO A 171 -14.35 -8.87 -1.30
N GLU A 172 -13.85 -8.19 -2.34
CA GLU A 172 -12.98 -8.86 -3.30
C GLU A 172 -11.60 -9.12 -2.70
N ILE A 173 -11.12 -8.23 -1.82
CA ILE A 173 -9.87 -8.52 -1.12
C ILE A 173 -10.06 -9.63 -0.10
N LEU A 174 -11.21 -9.61 0.60
CA LEU A 174 -11.48 -10.65 1.59
C LEU A 174 -11.62 -12.02 0.93
N LEU A 175 -12.24 -12.08 -0.23
CA LEU A 175 -12.40 -13.32 -0.98
C LEU A 175 -11.17 -13.67 -1.82
N GLY A 176 -10.07 -12.93 -1.64
CA GLY A 176 -8.82 -13.24 -2.31
C GLY A 176 -8.81 -13.08 -3.81
N CYS A 177 -9.40 -12.01 -4.33
CA CYS A 177 -9.38 -11.77 -5.76
C CYS A 177 -7.97 -11.56 -6.25
N LYS A 178 -7.69 -12.06 -7.45
CA LYS A 178 -6.37 -11.88 -8.05
C LYS A 178 -6.10 -10.41 -8.34
N TYR A 179 -7.08 -9.70 -8.89
CA TYR A 179 -6.94 -8.31 -9.27
C TYR A 179 -7.94 -7.46 -8.49
N TYR A 180 -7.46 -6.35 -7.94
CA TYR A 180 -8.33 -5.32 -7.40
C TYR A 180 -7.90 -3.98 -7.99
N SER A 181 -8.79 -3.01 -7.93
CA SER A 181 -8.63 -1.77 -8.67
C SER A 181 -9.25 -0.63 -7.86
N THR A 182 -9.55 0.47 -8.55
CA THR A 182 -10.09 1.66 -7.89
C THR A 182 -11.37 1.37 -7.12
N ALA A 183 -12.11 0.34 -7.52
CA ALA A 183 -13.35 -0.01 -6.81
C ALA A 183 -13.09 -0.42 -5.37
N VAL A 184 -11.84 -0.72 -5.02
CA VAL A 184 -11.49 -1.01 -3.64
C VAL A 184 -11.61 0.24 -2.79
N ASP A 185 -11.24 1.40 -3.34
CA ASP A 185 -11.33 2.64 -2.59
C ASP A 185 -12.78 3.08 -2.40
N ILE A 186 -13.59 2.98 -3.45
CA ILE A 186 -14.97 3.45 -3.39
C ILE A 186 -15.73 2.73 -2.29
N TRP A 187 -15.54 1.41 -2.19
CA TRP A 187 -16.14 0.65 -1.11
C TRP A 187 -15.84 1.29 0.24
N SER A 188 -14.58 1.62 0.48
CA SER A 188 -14.21 2.28 1.73
C SER A 188 -15.05 3.52 1.96
N LEU A 189 -15.13 4.39 0.93
CA LEU A 189 -15.96 5.58 1.04
C LEU A 189 -17.38 5.23 1.43
N GLY A 190 -17.96 4.22 0.76
CA GLY A 190 -19.29 3.78 1.12
C GLY A 190 -19.41 3.48 2.60
N CYS A 191 -18.47 2.69 3.11
CA CYS A 191 -18.47 2.38 4.54
C CYS A 191 -18.39 3.67 5.35
N ILE A 192 -17.44 4.54 5.00
CA ILE A 192 -17.31 5.82 5.71
C ILE A 192 -18.62 6.58 5.63
N PHE A 193 -19.26 6.57 4.45
CA PHE A 193 -20.54 7.24 4.31
C PHE A 193 -21.53 6.74 5.36
N ALA A 194 -21.65 5.42 5.49
CA ALA A 194 -22.55 4.88 6.49
C ALA A 194 -22.12 5.29 7.89
N GLU A 195 -20.81 5.26 8.15
CA GLU A 195 -20.31 5.67 9.46
C GLU A 195 -20.63 7.13 9.76
N MET A 196 -20.78 7.95 8.71
CA MET A 196 -21.16 9.34 8.95
C MET A 196 -22.64 9.47 9.25
N VAL A 197 -23.46 8.56 8.75
CA VAL A 197 -24.91 8.69 8.90
C VAL A 197 -25.41 8.02 10.18
N THR A 198 -24.99 6.78 10.42
CA THR A 198 -25.41 6.03 11.59
C THR A 198 -24.50 6.24 12.79
N ARG A 199 -23.42 7.00 12.64
CA ARG A 199 -22.47 7.31 13.71
C ARG A 199 -21.80 6.06 14.27
N ARG A 200 -21.78 4.98 13.49
CA ARG A 200 -21.16 3.73 13.93
C ARG A 200 -20.65 2.99 12.70
N ALA A 201 -19.70 2.09 12.94
CA ALA A 201 -19.11 1.34 11.84
C ALA A 201 -20.14 0.42 11.20
N LEU A 202 -20.12 0.37 9.86
CA LEU A 202 -21.09 -0.44 9.13
C LEU A 202 -20.78 -1.93 9.27
N PHE A 203 -19.51 -2.31 9.12
CA PHE A 203 -19.08 -3.71 9.19
C PHE A 203 -17.93 -3.82 10.18
N PRO A 204 -18.21 -3.79 11.47
CA PRO A 204 -17.14 -3.89 12.49
C PRO A 204 -16.74 -5.33 12.82
N GLY A 205 -15.92 -5.92 11.95
CA GLY A 205 -15.47 -7.28 12.13
C GLY A 205 -14.10 -7.37 12.77
N ASP A 206 -13.89 -8.42 13.56
CA ASP A 206 -12.62 -8.64 14.24
C ASP A 206 -11.70 -9.60 13.49
N SER A 207 -12.15 -10.15 12.37
CA SER A 207 -11.35 -11.07 11.58
C SER A 207 -11.90 -11.09 10.17
N GLU A 208 -11.13 -11.69 9.26
CA GLU A 208 -11.56 -11.74 7.86
C GLU A 208 -12.86 -12.53 7.72
N ILE A 209 -12.96 -13.66 8.41
CA ILE A 209 -14.18 -14.47 8.33
C ILE A 209 -15.35 -13.74 8.97
N ASP A 210 -15.12 -13.10 10.13
CA ASP A 210 -16.17 -12.33 10.77
C ASP A 210 -16.57 -11.13 9.93
N GLN A 211 -15.61 -10.46 9.31
CA GLN A 211 -15.91 -9.34 8.43
C GLN A 211 -16.75 -9.77 7.24
N LEU A 212 -16.40 -10.90 6.63
CA LEU A 212 -17.18 -11.42 5.52
C LEU A 212 -18.59 -11.77 5.96
N PHE A 213 -18.72 -12.39 7.14
CA PHE A 213 -20.05 -12.74 7.65
C PHE A 213 -20.89 -11.49 7.93
N ARG A 214 -20.27 -10.43 8.45
CA ARG A 214 -21.01 -9.19 8.68
C ARG A 214 -21.47 -8.57 7.36
N ILE A 215 -20.58 -8.55 6.36
CA ILE A 215 -20.97 -8.02 5.05
C ILE A 215 -22.10 -8.83 4.46
N PHE A 216 -22.03 -10.16 4.57
CA PHE A 216 -23.07 -11.03 4.04
C PHE A 216 -24.39 -10.82 4.78
N ARG A 217 -24.32 -10.65 6.10
CA ARG A 217 -25.53 -10.42 6.88
C ARG A 217 -26.22 -9.12 6.47
N THR A 218 -25.43 -8.06 6.27
CA THR A 218 -26.05 -6.78 5.92
C THR A 218 -26.54 -6.74 4.47
N LEU A 219 -25.75 -7.25 3.53
CA LEU A 219 -26.03 -7.10 2.11
C LEU A 219 -26.49 -8.38 1.43
N GLY A 220 -26.62 -9.49 2.16
CA GLY A 220 -27.00 -10.74 1.54
C GLY A 220 -25.80 -11.51 1.02
N THR A 221 -25.86 -12.83 1.09
CA THR A 221 -24.75 -13.64 0.63
C THR A 221 -24.67 -13.61 -0.89
N PRO A 222 -23.53 -13.27 -1.48
CA PRO A 222 -23.44 -13.21 -2.94
C PRO A 222 -23.55 -14.59 -3.57
N ASP A 223 -24.05 -14.60 -4.80
CA ASP A 223 -24.13 -15.81 -5.60
C ASP A 223 -23.68 -15.46 -7.02
N GLU A 224 -23.85 -16.40 -7.94
CA GLU A 224 -23.38 -16.20 -9.30
C GLU A 224 -24.23 -15.21 -10.09
N VAL A 225 -25.39 -14.82 -9.58
CA VAL A 225 -26.23 -13.85 -10.27
C VAL A 225 -25.84 -12.42 -9.90
N VAL A 226 -25.74 -12.14 -8.60
CA VAL A 226 -25.34 -10.80 -8.16
C VAL A 226 -23.88 -10.55 -8.51
N TRP A 227 -23.00 -11.51 -8.23
CA TRP A 227 -21.56 -11.38 -8.42
C TRP A 227 -21.07 -12.58 -9.21
N PRO A 228 -21.10 -12.51 -10.54
CA PRO A 228 -20.64 -13.65 -11.33
C PRO A 228 -19.18 -13.95 -11.06
N GLY A 229 -18.86 -15.24 -10.95
CA GLY A 229 -17.52 -15.67 -10.63
C GLY A 229 -17.17 -15.67 -9.16
N VAL A 230 -18.15 -15.45 -8.27
CA VAL A 230 -17.85 -15.38 -6.85
C VAL A 230 -17.67 -16.76 -6.24
N THR A 231 -18.28 -17.79 -6.84
CA THR A 231 -18.20 -19.12 -6.26
C THR A 231 -16.88 -19.81 -6.53
N SER A 232 -16.09 -19.33 -7.49
CA SER A 232 -14.81 -19.92 -7.82
C SER A 232 -13.63 -19.16 -7.20
N MET A 233 -13.90 -18.22 -6.30
CA MET A 233 -12.83 -17.45 -5.69
C MET A 233 -12.03 -18.33 -4.73
N PRO A 234 -10.72 -18.06 -4.60
CA PRO A 234 -9.89 -18.93 -3.74
C PRO A 234 -10.32 -18.95 -2.29
N ASP A 235 -10.81 -17.83 -1.75
CA ASP A 235 -11.18 -17.74 -0.35
C ASP A 235 -12.69 -17.85 -0.13
N TYR A 236 -13.43 -18.25 -1.15
CA TYR A 236 -14.87 -18.49 -1.02
C TYR A 236 -15.11 -19.96 -0.76
N LYS A 237 -15.98 -20.24 0.22
CA LYS A 237 -16.32 -21.60 0.59
C LYS A 237 -17.80 -21.85 0.34
N PRO A 238 -18.17 -22.97 -0.30
CA PRO A 238 -19.59 -23.26 -0.53
C PRO A 238 -20.38 -23.53 0.75
N SER A 239 -19.75 -23.44 1.92
CA SER A 239 -20.42 -23.65 3.20
C SER A 239 -20.85 -22.35 3.86
N PHE A 240 -20.75 -21.22 3.15
CA PHE A 240 -21.15 -19.95 3.72
C PHE A 240 -22.65 -19.95 3.99
N PRO A 241 -23.11 -19.32 5.07
CA PRO A 241 -24.55 -19.25 5.32
C PRO A 241 -25.26 -18.47 4.23
N LYS A 242 -26.50 -18.88 3.96
CA LYS A 242 -27.32 -18.25 2.92
C LYS A 242 -28.20 -17.18 3.56
N TRP A 243 -27.61 -16.00 3.72
CA TRP A 243 -28.31 -14.88 4.33
C TRP A 243 -29.09 -14.10 3.27
N ALA A 244 -30.06 -13.31 3.75
CA ALA A 244 -30.88 -12.49 2.89
C ALA A 244 -30.47 -11.03 3.01
N ARG A 245 -30.65 -10.29 1.92
CA ARG A 245 -30.28 -8.88 1.88
C ARG A 245 -31.27 -8.05 2.66
N GLN A 246 -30.76 -7.22 3.57
CA GLN A 246 -31.61 -6.31 4.35
C GLN A 246 -31.87 -5.04 3.56
N ASP A 247 -33.11 -4.57 3.60
CA ASP A 247 -33.45 -3.32 2.92
C ASP A 247 -32.74 -2.15 3.60
N PHE A 248 -32.27 -1.20 2.79
CA PHE A 248 -31.45 -0.12 3.30
C PHE A 248 -32.22 0.89 4.13
N SER A 249 -33.55 0.77 4.21
CA SER A 249 -34.33 1.67 5.07
C SER A 249 -33.92 1.50 6.53
N LYS A 250 -33.65 0.27 6.96
CA LYS A 250 -33.22 0.02 8.33
C LYS A 250 -31.71 0.10 8.50
N VAL A 251 -30.94 -0.11 7.44
CA VAL A 251 -29.49 -0.04 7.55
C VAL A 251 -29.04 1.39 7.82
N VAL A 252 -29.57 2.34 7.05
CA VAL A 252 -29.26 3.76 7.23
C VAL A 252 -30.57 4.54 7.27
N PRO A 253 -31.23 4.63 8.43
CA PRO A 253 -32.53 5.31 8.51
C PRO A 253 -32.46 6.76 8.08
N PRO A 254 -31.51 7.57 8.55
CA PRO A 254 -31.56 9.01 8.22
C PRO A 254 -31.43 9.32 6.74
N LEU A 255 -30.82 8.43 5.96
CA LEU A 255 -30.61 8.70 4.54
C LEU A 255 -31.93 8.67 3.78
N ASP A 256 -32.04 9.54 2.78
CA ASP A 256 -33.23 9.61 1.93
C ASP A 256 -33.08 8.62 0.78
N GLU A 257 -33.97 8.72 -0.22
CA GLU A 257 -33.93 7.79 -1.34
C GLU A 257 -32.65 7.95 -2.16
N ASP A 258 -32.26 9.20 -2.44
CA ASP A 258 -31.05 9.43 -3.24
C ASP A 258 -29.80 8.97 -2.48
N GLY A 259 -29.71 9.29 -1.19
CA GLY A 259 -28.58 8.81 -0.41
C GLY A 259 -28.53 7.30 -0.32
N ARG A 260 -29.70 6.67 -0.15
CA ARG A 260 -29.75 5.21 -0.13
C ARG A 260 -29.29 4.61 -1.44
N SER A 261 -29.72 5.19 -2.56
CA SER A 261 -29.30 4.67 -3.87
C SER A 261 -27.80 4.85 -4.07
N LEU A 262 -27.25 6.01 -3.69
CA LEU A 262 -25.82 6.21 -3.82
C LEU A 262 -25.03 5.24 -2.95
N LEU A 263 -25.49 5.02 -1.72
CA LEU A 263 -24.80 4.07 -0.84
C LEU A 263 -24.88 2.65 -1.41
N SER A 264 -26.03 2.27 -1.94
CA SER A 264 -26.17 0.94 -2.53
C SER A 264 -25.28 0.77 -3.75
N GLN A 265 -25.10 1.85 -4.53
CA GLN A 265 -24.20 1.77 -5.67
C GLN A 265 -22.74 1.73 -5.24
N MET A 266 -22.40 2.40 -4.13
CA MET A 266 -21.02 2.39 -3.65
C MET A 266 -20.65 1.04 -3.05
N LEU A 267 -21.61 0.34 -2.46
CA LEU A 267 -21.37 -0.95 -1.81
C LEU A 267 -21.78 -2.12 -2.69
N HIS A 268 -21.62 -1.98 -4.00
CA HIS A 268 -21.96 -3.08 -4.90
C HIS A 268 -20.95 -4.21 -4.77
N TYR A 269 -21.44 -5.45 -4.76
CA TYR A 269 -20.57 -6.60 -4.61
C TYR A 269 -19.59 -6.68 -5.78
N ASP A 270 -20.10 -6.65 -7.00
CA ASP A 270 -19.27 -6.79 -8.19
C ASP A 270 -18.42 -5.55 -8.37
N PRO A 271 -17.09 -5.66 -8.38
CA PRO A 271 -16.26 -4.46 -8.60
C PRO A 271 -16.50 -3.81 -9.94
N ASN A 272 -16.93 -4.58 -10.94
CA ASN A 272 -17.22 -4.00 -12.26
C ASN A 272 -18.46 -3.12 -12.21
N LYS A 273 -19.48 -3.52 -11.46
CA LYS A 273 -20.72 -2.77 -11.36
C LYS A 273 -20.68 -1.70 -10.28
N ARG A 274 -19.66 -1.69 -9.44
CA ARG A 274 -19.54 -0.66 -8.41
C ARG A 274 -19.35 0.70 -9.04
N ILE A 275 -19.96 1.73 -8.43
CA ILE A 275 -19.84 3.08 -8.96
C ILE A 275 -18.40 3.58 -8.81
N SER A 276 -18.05 4.56 -9.64
CA SER A 276 -16.74 5.17 -9.60
C SER A 276 -16.85 6.58 -9.00
N ALA A 277 -15.70 7.12 -8.62
CA ALA A 277 -15.67 8.45 -8.02
C ALA A 277 -16.16 9.51 -9.00
N LYS A 278 -15.77 9.40 -10.27
CA LYS A 278 -16.21 10.37 -11.27
C LYS A 278 -17.71 10.25 -11.52
N ALA A 279 -18.22 9.02 -11.58
CA ALA A 279 -19.65 8.82 -11.84
C ALA A 279 -20.51 9.06 -10.61
N ALA A 280 -19.92 9.04 -9.40
CA ALA A 280 -20.67 9.34 -8.19
C ALA A 280 -20.92 10.83 -8.02
N LEU A 281 -20.03 11.66 -8.55
CA LEU A 281 -20.20 13.11 -8.45
C LEU A 281 -21.37 13.62 -9.27
N ALA A 282 -21.83 12.84 -10.25
CA ALA A 282 -22.98 13.21 -11.06
C ALA A 282 -24.29 12.64 -10.52
N HIS A 283 -24.24 12.00 -9.35
CA HIS A 283 -25.43 11.42 -8.77
C HIS A 283 -26.42 12.51 -8.34
N PRO A 284 -27.72 12.23 -8.40
CA PRO A 284 -28.71 13.22 -7.93
C PRO A 284 -28.58 13.54 -6.45
N PHE A 285 -27.88 12.73 -5.67
CA PHE A 285 -27.71 13.00 -4.25
C PHE A 285 -26.99 14.33 -4.02
N PHE A 286 -26.11 14.73 -4.94
CA PHE A 286 -25.34 15.96 -4.82
C PHE A 286 -25.96 17.10 -5.62
N GLN A 287 -27.28 17.07 -5.84
CA GLN A 287 -27.94 18.12 -6.60
C GLN A 287 -27.86 19.46 -5.88
N ASP A 288 -28.04 19.46 -4.57
CA ASP A 288 -28.10 20.68 -3.76
C ASP A 288 -26.99 20.69 -2.71
N VAL A 289 -25.79 20.33 -3.11
CA VAL A 289 -24.67 20.26 -2.17
C VAL A 289 -24.18 21.67 -1.86
N THR A 290 -24.08 21.98 -0.57
CA THR A 290 -23.53 23.23 -0.09
C THR A 290 -22.52 22.92 1.01
N LYS A 291 -21.56 23.82 1.19
CA LYS A 291 -20.47 23.59 2.14
C LYS A 291 -20.75 24.33 3.44
N PRO A 292 -21.08 23.63 4.53
CA PRO A 292 -21.21 24.32 5.82
C PRO A 292 -19.89 24.38 6.56
N VAL A 293 -19.88 24.95 7.75
CA VAL A 293 -18.69 25.07 8.57
C VAL A 293 -18.89 24.24 9.83
N PRO A 294 -18.06 23.22 10.08
CA PRO A 294 -18.21 22.44 11.31
C PRO A 294 -17.94 23.28 12.55
N HIS A 295 -18.63 22.92 13.64
CA HIS A 295 -18.47 23.66 14.88
C HIS A 295 -17.08 23.49 15.47
N LEU A 296 -16.45 22.32 15.28
CA LEU A 296 -15.11 22.04 15.76
C LEU A 296 -15.02 22.20 17.28
N ARG A 297 -15.75 21.31 17.96
CA ARG A 297 -15.75 21.33 19.43
C ARG A 297 -14.36 21.06 19.98
N LEU A 298 -13.63 20.13 19.39
CA LEU A 298 -12.28 19.81 19.84
C LEU A 298 -11.25 20.62 19.06
N MET B 1 -10.63 -6.60 -18.26
CA MET B 1 -11.94 -6.10 -18.66
C MET B 1 -12.71 -5.59 -17.44
N GLY B 2 -13.43 -4.49 -17.62
CA GLY B 2 -14.16 -3.88 -16.53
C GLY B 2 -13.29 -2.98 -15.68
N VAL B 3 -13.51 -2.97 -14.36
CA VAL B 3 -12.76 -2.10 -13.47
C VAL B 3 -11.28 -2.41 -13.50
N ASN B 4 -10.89 -3.60 -13.95
CA ASN B 4 -9.47 -3.91 -14.08
C ASN B 4 -8.81 -3.04 -15.13
N GLU B 5 -9.50 -2.77 -16.24
CA GLU B 5 -8.96 -1.92 -17.30
C GLU B 5 -9.25 -0.44 -17.07
N VAL B 6 -9.91 -0.10 -15.95
CA VAL B 6 -10.19 1.27 -15.55
C VAL B 6 -10.88 2.03 -16.68
N PRO B 7 -12.13 1.72 -17.00
CA PRO B 7 -12.78 2.38 -18.14
C PRO B 7 -13.15 3.83 -17.89
N ASP B 8 -13.20 4.28 -16.63
CA ASP B 8 -13.56 5.67 -16.34
C ASP B 8 -12.36 6.60 -16.37
N TYR B 9 -11.15 6.10 -16.12
CA TYR B 9 -9.97 6.94 -16.02
C TYR B 9 -8.87 6.58 -16.99
N HIS B 10 -9.09 5.63 -17.92
CA HIS B 10 -8.02 5.20 -18.80
C HIS B 10 -7.53 6.35 -19.68
N GLU B 11 -8.45 7.15 -20.22
CA GLU B 11 -8.08 8.30 -21.02
C GLU B 11 -7.39 9.37 -20.18
N ASP B 12 -7.90 9.63 -18.97
CA ASP B 12 -7.26 10.58 -18.09
C ASP B 12 -5.87 10.12 -17.68
N ILE B 13 -5.73 8.83 -17.37
CA ILE B 13 -4.42 8.29 -16.99
C ILE B 13 -3.45 8.37 -18.17
N HIS B 14 -3.93 8.08 -19.38
CA HIS B 14 -3.06 8.17 -20.55
C HIS B 14 -2.60 9.59 -20.81
N THR B 15 -3.52 10.56 -20.70
CA THR B 15 -3.13 11.96 -20.89
C THR B 15 -2.14 12.40 -19.82
N TYR B 16 -2.37 11.98 -18.57
CA TYR B 16 -1.45 12.33 -17.49
C TYR B 16 -0.07 11.72 -17.73
N LEU B 17 -0.02 10.47 -18.20
CA LEU B 17 1.26 9.83 -18.50
C LEU B 17 1.96 10.53 -19.64
N ARG B 18 1.21 10.95 -20.65
CA ARG B 18 1.81 11.68 -21.76
C ARG B 18 2.40 13.00 -21.30
N GLU B 19 1.72 13.67 -20.37
CA GLU B 19 2.27 14.93 -19.86
C GLU B 19 3.43 14.69 -18.90
N MET B 20 3.46 13.53 -18.22
CA MET B 20 4.51 13.24 -17.27
C MET B 20 5.80 12.76 -17.92
N GLU B 21 5.69 12.04 -19.04
CA GLU B 21 6.89 11.48 -19.68
C GLU B 21 7.84 12.56 -20.17
N VAL B 22 7.34 13.77 -20.42
CA VAL B 22 8.23 14.86 -20.81
C VAL B 22 9.08 15.30 -19.62
N LYS B 23 8.48 15.38 -18.43
CA LYS B 23 9.22 15.82 -17.26
C LYS B 23 10.28 14.82 -16.84
N CYS B 24 9.96 13.53 -16.88
CA CYS B 24 10.89 12.48 -16.47
C CYS B 24 11.84 12.06 -17.58
N LYS B 25 11.89 12.80 -18.68
CA LYS B 25 12.76 12.45 -19.79
C LYS B 25 14.19 12.83 -19.49
N PRO B 26 15.15 11.92 -19.61
CA PRO B 26 16.56 12.28 -19.41
C PRO B 26 17.04 13.20 -20.52
N LYS B 27 18.10 13.94 -20.21
CA LYS B 27 18.71 14.82 -21.21
C LYS B 27 19.31 13.99 -22.34
N VAL B 28 19.06 14.41 -23.58
CA VAL B 28 19.55 13.69 -24.73
C VAL B 28 21.04 13.96 -24.88
N GLY B 29 21.82 12.90 -25.05
CA GLY B 29 23.26 13.03 -25.18
C GLY B 29 23.97 13.52 -23.94
N TYR B 30 23.60 13.00 -22.77
CA TYR B 30 24.30 13.35 -21.54
C TYR B 30 25.64 12.64 -21.40
N MET B 31 25.88 11.59 -22.19
CA MET B 31 27.13 10.85 -22.09
C MET B 31 28.32 11.68 -22.54
N LYS B 32 28.10 12.69 -23.38
CA LYS B 32 29.19 13.59 -23.75
C LYS B 32 29.65 14.39 -22.54
N LYS B 33 28.72 14.79 -21.67
CA LYS B 33 29.10 15.52 -20.47
C LYS B 33 29.84 14.64 -19.48
N GLN B 34 29.62 13.33 -19.53
CA GLN B 34 30.33 12.41 -18.65
C GLN B 34 31.75 12.22 -19.16
N PRO B 35 32.78 12.54 -18.38
CA PRO B 35 34.16 12.42 -18.85
C PRO B 35 34.83 11.09 -18.56
N ASP B 36 34.11 10.10 -18.03
CA ASP B 36 34.71 8.82 -17.67
C ASP B 36 33.95 7.60 -18.17
N ILE B 37 32.70 7.73 -18.59
CA ILE B 37 31.91 6.60 -19.06
C ILE B 37 31.35 6.93 -20.43
N THR B 38 31.15 5.89 -21.24
CA THR B 38 30.55 6.05 -22.56
C THR B 38 29.37 5.11 -22.72
N ASN B 39 28.78 5.06 -23.92
CA ASN B 39 27.58 4.27 -24.13
C ASN B 39 27.84 2.77 -24.02
N SER B 40 29.07 2.32 -24.25
CA SER B 40 29.37 0.89 -24.11
C SER B 40 29.21 0.43 -22.66
N MET B 41 29.73 1.20 -21.71
CA MET B 41 29.56 0.86 -20.30
C MET B 41 28.09 0.89 -19.91
N ARG B 42 27.33 1.86 -20.41
CA ARG B 42 25.90 1.91 -20.12
C ARG B 42 25.18 0.68 -20.67
N ALA B 43 25.52 0.27 -21.89
CA ALA B 43 24.90 -0.92 -22.46
C ALA B 43 25.24 -2.17 -21.66
N ILE B 44 26.49 -2.29 -21.23
CA ILE B 44 26.88 -3.44 -20.41
C ILE B 44 26.12 -3.42 -19.08
N LEU B 45 25.99 -2.26 -18.47
CA LEU B 45 25.28 -2.15 -17.21
C LEU B 45 23.80 -2.51 -17.36
N VAL B 46 23.18 -2.07 -18.46
CA VAL B 46 21.77 -2.39 -18.66
C VAL B 46 21.59 -3.87 -18.94
N ASP B 47 22.53 -4.48 -19.67
CA ASP B 47 22.47 -5.93 -19.87
C ASP B 47 22.61 -6.68 -18.55
N TRP B 48 23.52 -6.23 -17.69
CA TRP B 48 23.68 -6.85 -16.38
C TRP B 48 22.43 -6.67 -15.54
N LEU B 49 21.78 -5.51 -15.66
CA LEU B 49 20.52 -5.29 -14.95
C LEU B 49 19.43 -6.22 -15.44
N VAL B 50 19.39 -6.46 -16.75
CA VAL B 50 18.42 -7.42 -17.29
C VAL B 50 18.68 -8.81 -16.72
N GLU B 51 19.94 -9.22 -16.67
CA GLU B 51 20.27 -10.52 -16.10
C GLU B 51 19.89 -10.59 -14.62
N VAL B 52 20.14 -9.51 -13.87
CA VAL B 52 19.81 -9.48 -12.45
C VAL B 52 18.31 -9.60 -12.25
N GLY B 53 17.53 -8.84 -13.03
CA GLY B 53 16.08 -8.95 -12.94
C GLY B 53 15.57 -10.33 -13.32
N GLU B 54 16.22 -10.98 -14.29
CA GLU B 54 15.87 -12.35 -14.62
C GLU B 54 16.23 -13.32 -13.51
N GLU B 55 17.25 -12.99 -12.72
CA GLU B 55 17.66 -13.87 -11.63
C GLU B 55 16.65 -13.87 -10.48
N TYR B 56 16.12 -12.69 -10.14
CA TYR B 56 15.19 -12.55 -9.02
C TYR B 56 13.74 -12.54 -9.44
N LYS B 57 13.45 -12.79 -10.72
CA LYS B 57 12.08 -12.85 -11.23
C LYS B 57 11.34 -11.54 -10.95
N LEU B 58 12.02 -10.42 -11.22
CA LEU B 58 11.43 -9.11 -11.06
C LEU B 58 10.55 -8.77 -12.27
N GLN B 59 9.71 -7.76 -12.09
CA GLN B 59 8.85 -7.31 -13.18
C GLN B 59 9.66 -6.54 -14.22
N ASN B 60 9.13 -6.49 -15.44
CA ASN B 60 9.75 -5.69 -16.48
C ASN B 60 9.66 -4.21 -16.18
N GLU B 61 8.57 -3.80 -15.51
CA GLU B 61 8.44 -2.41 -15.09
C GLU B 61 9.57 -2.00 -14.15
N THR B 62 10.02 -2.92 -13.30
CA THR B 62 11.15 -2.63 -12.42
C THR B 62 12.40 -2.32 -13.23
N LEU B 63 12.68 -3.11 -14.26
CA LEU B 63 13.87 -2.87 -15.08
C LEU B 63 13.75 -1.55 -15.85
N HIS B 64 12.58 -1.27 -16.41
CA HIS B 64 12.39 -0.02 -17.13
C HIS B 64 12.56 1.18 -16.21
N LEU B 65 11.98 1.11 -15.01
CA LEU B 65 12.12 2.19 -14.03
C LEU B 65 13.58 2.35 -13.61
N ALA B 66 14.28 1.25 -13.39
CA ALA B 66 15.68 1.35 -12.98
C ALA B 66 16.53 2.00 -14.07
N VAL B 67 16.29 1.65 -15.33
CA VAL B 67 17.04 2.28 -16.42
C VAL B 67 16.71 3.76 -16.50
N ASN B 68 15.43 4.11 -16.31
CA ASN B 68 15.06 5.53 -16.30
C ASN B 68 15.77 6.28 -15.17
N TYR B 69 15.82 5.68 -13.98
CA TYR B 69 16.52 6.32 -12.86
C TYR B 69 18.00 6.49 -13.15
N ILE B 70 18.62 5.47 -13.74
CA ILE B 70 20.05 5.55 -14.05
C ILE B 70 20.31 6.68 -15.05
N ASP B 71 19.49 6.74 -16.10
CA ASP B 71 19.67 7.79 -17.10
C ASP B 71 19.48 9.18 -16.50
N ARG B 72 18.43 9.34 -15.68
CA ARG B 72 18.18 10.65 -15.06
C ARG B 72 19.30 11.03 -14.11
N PHE B 73 19.81 10.07 -13.32
CA PHE B 73 20.89 10.35 -12.40
C PHE B 73 22.16 10.74 -13.14
N LEU B 74 22.49 10.03 -14.21
CA LEU B 74 23.70 10.33 -14.96
C LEU B 74 23.58 11.63 -15.73
N SER B 75 22.35 12.02 -16.11
CA SER B 75 22.18 13.26 -16.86
C SER B 75 22.47 14.50 -16.03
N SER B 76 22.51 14.37 -14.70
CA SER B 76 22.77 15.51 -13.84
C SER B 76 23.94 15.30 -12.89
N MET B 77 24.54 14.12 -12.86
CA MET B 77 25.65 13.81 -11.97
C MET B 77 26.74 13.09 -12.74
N SER B 78 27.99 13.39 -12.40
CA SER B 78 29.14 12.77 -13.02
C SER B 78 29.70 11.69 -12.10
N VAL B 79 29.85 10.48 -12.61
CA VAL B 79 30.34 9.35 -11.84
C VAL B 79 31.54 8.74 -12.56
N LEU B 80 32.36 8.04 -11.79
CA LEU B 80 33.51 7.33 -12.33
C LEU B 80 33.09 5.95 -12.82
N ARG B 81 34.01 5.27 -13.50
CA ARG B 81 33.71 3.95 -14.03
C ARG B 81 33.41 2.96 -12.91
N GLY B 82 34.31 2.87 -11.93
CA GLY B 82 34.18 1.88 -10.88
C GLY B 82 32.94 2.04 -10.03
N LYS B 83 32.36 3.23 -10.00
CA LYS B 83 31.13 3.46 -9.25
C LYS B 83 29.87 3.21 -10.07
N LEU B 84 29.99 3.07 -11.39
CA LEU B 84 28.80 3.00 -12.25
C LEU B 84 27.89 1.86 -11.82
N GLN B 85 28.44 0.65 -11.71
CA GLN B 85 27.64 -0.50 -11.27
C GLN B 85 26.89 -0.18 -9.99
N LEU B 86 27.57 0.48 -9.04
CA LEU B 86 26.93 0.83 -7.78
C LEU B 86 25.64 1.58 -8.02
N VAL B 87 25.69 2.66 -8.81
CA VAL B 87 24.48 3.43 -9.04
C VAL B 87 23.42 2.55 -9.67
N GLY B 88 23.82 1.71 -10.62
CA GLY B 88 22.86 0.78 -11.20
C GLY B 88 22.18 -0.05 -10.12
N THR B 89 22.98 -0.67 -9.25
CA THR B 89 22.42 -1.44 -8.16
C THR B 89 21.44 -0.60 -7.37
N ALA B 90 21.86 0.61 -6.98
CA ALA B 90 20.99 1.48 -6.21
C ALA B 90 19.67 1.69 -6.94
N ALA B 91 19.75 2.06 -8.22
CA ALA B 91 18.53 2.30 -8.98
C ALA B 91 17.65 1.07 -8.95
N MET B 92 18.24 -0.10 -9.22
CA MET B 92 17.46 -1.34 -9.20
C MET B 92 16.76 -1.49 -7.86
N LEU B 93 17.52 -1.32 -6.77
CA LEU B 93 16.93 -1.40 -5.45
C LEU B 93 15.74 -0.47 -5.33
N LEU B 94 15.95 0.80 -5.70
CA LEU B 94 14.86 1.76 -5.60
C LEU B 94 13.68 1.33 -6.45
N ALA B 95 13.94 0.87 -7.67
CA ALA B 95 12.85 0.44 -8.53
C ALA B 95 12.05 -0.67 -7.87
N SER B 96 12.75 -1.63 -7.25
CA SER B 96 12.05 -2.70 -6.57
C SER B 96 11.19 -2.14 -5.44
N LYS B 97 11.75 -1.22 -4.66
CA LYS B 97 10.99 -0.64 -3.55
C LYS B 97 9.78 0.13 -4.05
N PHE B 98 9.76 0.49 -5.33
CA PHE B 98 8.61 1.19 -5.87
C PHE B 98 7.62 0.25 -6.54
N GLU B 99 8.06 -0.92 -6.99
CA GLU B 99 7.23 -1.76 -7.84
C GLU B 99 6.91 -3.11 -7.23
N GLU B 100 7.89 -3.81 -6.69
CA GLU B 100 7.69 -5.19 -6.28
C GLU B 100 6.84 -5.26 -5.02
N ILE B 101 5.99 -6.29 -4.96
CA ILE B 101 5.30 -6.62 -3.72
C ILE B 101 6.30 -7.11 -2.68
N TYR B 102 7.25 -7.94 -3.11
CA TYR B 102 8.29 -8.50 -2.25
C TYR B 102 9.63 -8.16 -2.88
N PRO B 103 10.12 -6.93 -2.72
CA PRO B 103 11.42 -6.58 -3.29
C PRO B 103 12.53 -7.36 -2.61
N PRO B 104 13.61 -7.65 -3.33
CA PRO B 104 14.75 -8.31 -2.69
C PRO B 104 15.38 -7.42 -1.63
N GLU B 105 15.98 -8.06 -0.63
CA GLU B 105 16.65 -7.32 0.42
C GLU B 105 17.95 -6.70 -0.07
N VAL B 106 18.47 -5.76 0.71
CA VAL B 106 19.73 -5.10 0.34
C VAL B 106 20.87 -6.11 0.33
N ALA B 107 20.79 -7.16 1.15
CA ALA B 107 21.81 -8.19 1.15
C ALA B 107 21.90 -8.88 -0.20
N GLU B 108 20.75 -9.15 -0.83
CA GLU B 108 20.76 -9.76 -2.15
C GLU B 108 21.38 -8.84 -3.20
N PHE B 109 21.10 -7.53 -3.11
CA PHE B 109 21.68 -6.58 -4.05
C PHE B 109 23.18 -6.46 -3.86
N VAL B 110 23.67 -6.59 -2.63
CA VAL B 110 25.12 -6.67 -2.44
C VAL B 110 25.67 -7.99 -2.97
N TYR B 111 24.90 -9.07 -2.84
CA TYR B 111 25.35 -10.38 -3.31
C TYR B 111 25.56 -10.39 -4.82
N ILE B 112 24.54 -9.97 -5.58
CA ILE B 112 24.67 -9.95 -7.04
C ILE B 112 25.70 -8.94 -7.49
N THR B 113 26.00 -7.94 -6.65
CA THR B 113 27.09 -7.00 -6.93
C THR B 113 28.44 -7.70 -6.98
N ASP B 114 28.56 -8.88 -6.37
CA ASP B 114 29.79 -9.66 -6.27
C ASP B 114 30.80 -9.01 -5.32
N ASP B 115 30.28 -8.35 -4.28
CA ASP B 115 31.09 -7.86 -3.16
C ASP B 115 32.14 -6.85 -3.58
N THR B 116 31.89 -6.08 -4.65
CA THR B 116 32.76 -4.97 -4.97
C THR B 116 32.31 -3.67 -4.33
N TYR B 117 31.12 -3.73 -3.70
CA TYR B 117 30.58 -2.58 -2.94
C TYR B 117 29.97 -3.17 -1.67
N THR B 118 30.00 -2.45 -0.54
CA THR B 118 29.43 -2.94 0.70
C THR B 118 28.01 -2.44 0.89
N LYS B 119 27.35 -2.95 1.93
CA LYS B 119 25.96 -2.57 2.21
C LYS B 119 25.85 -1.08 2.54
N LYS B 120 26.80 -0.55 3.31
CA LYS B 120 26.80 0.87 3.61
C LYS B 120 26.97 1.69 2.35
N GLN B 121 27.84 1.25 1.45
CA GLN B 121 28.02 1.96 0.17
C GLN B 121 26.74 1.95 -0.64
N VAL B 122 26.05 0.80 -0.68
CA VAL B 122 24.81 0.70 -1.44
C VAL B 122 23.74 1.64 -0.85
N LEU B 123 23.64 1.68 0.47
CA LEU B 123 22.65 2.56 1.10
C LEU B 123 23.00 4.03 0.87
N ARG B 124 24.29 4.37 0.94
CA ARG B 124 24.71 5.74 0.65
C ARG B 124 24.38 6.13 -0.79
N MET B 125 24.63 5.22 -1.74
CA MET B 125 24.29 5.51 -3.13
C MET B 125 22.79 5.61 -3.34
N GLU B 126 22.00 4.80 -2.63
CA GLU B 126 20.55 4.93 -2.72
C GLU B 126 20.09 6.28 -2.20
N HIS B 127 20.67 6.75 -1.10
CA HIS B 127 20.35 8.08 -0.60
C HIS B 127 20.72 9.16 -1.60
N LEU B 128 21.90 9.03 -2.23
CA LEU B 128 22.34 10.00 -3.21
C LEU B 128 21.41 10.03 -4.42
N VAL B 129 21.00 8.85 -4.91
CA VAL B 129 20.09 8.79 -6.05
C VAL B 129 18.75 9.40 -5.71
N LEU B 130 18.24 9.11 -4.50
CA LEU B 130 16.97 9.71 -4.09
C LEU B 130 17.08 11.22 -3.98
N LYS B 131 18.21 11.73 -3.50
CA LYS B 131 18.40 13.18 -3.42
C LYS B 131 18.47 13.81 -4.79
N VAL B 132 19.19 13.18 -5.72
CA VAL B 132 19.36 13.75 -7.06
C VAL B 132 18.05 13.74 -7.82
N LEU B 133 17.33 12.60 -7.78
CA LEU B 133 16.05 12.51 -8.46
C LEU B 133 14.95 13.30 -7.77
N ALA B 134 15.21 13.81 -6.56
CA ALA B 134 14.23 14.59 -5.79
C ALA B 134 12.97 13.77 -5.53
N PHE B 135 13.14 12.47 -5.29
CA PHE B 135 12.04 11.56 -4.96
C PHE B 135 11.01 11.48 -6.08
N ASP B 136 11.44 11.69 -7.32
CA ASP B 136 10.55 11.60 -8.48
C ASP B 136 10.68 10.21 -9.11
N LEU B 137 10.25 9.22 -8.35
CA LEU B 137 10.41 7.82 -8.73
C LEU B 137 9.26 7.26 -9.54
N ALA B 138 8.19 8.03 -9.74
CA ALA B 138 7.02 7.57 -10.48
C ALA B 138 7.12 8.13 -11.90
N ALA B 139 7.74 7.34 -12.79
CA ALA B 139 8.01 7.79 -14.13
C ALA B 139 7.35 6.88 -15.16
N PRO B 140 6.72 7.44 -16.20
CA PRO B 140 6.19 6.61 -17.28
C PRO B 140 7.31 5.87 -17.99
N THR B 141 7.01 4.65 -18.43
CA THR B 141 7.97 3.80 -19.10
C THR B 141 7.35 3.21 -20.36
N ILE B 142 8.18 2.54 -21.16
CA ILE B 142 7.70 1.88 -22.37
C ILE B 142 6.67 0.82 -22.01
N ASN B 143 6.89 0.12 -20.89
CA ASN B 143 5.96 -0.90 -20.45
C ASN B 143 4.58 -0.30 -20.16
N GLN B 144 4.54 0.87 -19.52
CA GLN B 144 3.27 1.47 -19.13
C GLN B 144 2.43 1.86 -20.33
N PHE B 145 3.05 2.26 -21.43
CA PHE B 145 2.33 2.61 -22.64
C PHE B 145 2.00 1.39 -23.49
N LEU B 146 2.92 0.42 -23.56
CA LEU B 146 2.65 -0.81 -24.29
C LEU B 146 1.47 -1.56 -23.68
N THR B 147 1.39 -1.56 -22.35
CA THR B 147 0.31 -2.27 -21.68
C THR B 147 -1.05 -1.65 -22.01
N GLN B 148 -1.12 -0.32 -22.11
CA GLN B 148 -2.35 0.33 -22.53
C GLN B 148 -2.63 0.09 -24.01
N TYR B 149 -1.58 0.08 -24.84
CA TYR B 149 -1.78 -0.14 -26.27
C TYR B 149 -2.29 -1.54 -26.56
N PHE B 150 -1.93 -2.52 -25.72
CA PHE B 150 -2.34 -3.90 -25.95
C PHE B 150 -3.84 -4.08 -25.87
N LEU B 151 -4.57 -3.15 -25.26
CA LEU B 151 -6.01 -3.27 -25.16
C LEU B 151 -6.73 -2.98 -26.47
N HIS B 152 -6.04 -2.44 -27.46
CA HIS B 152 -6.65 -2.03 -28.72
C HIS B 152 -6.50 -3.05 -29.84
N GLN B 153 -5.94 -4.21 -29.54
CA GLN B 153 -5.79 -5.26 -30.56
C GLN B 153 -6.96 -6.22 -30.47
N GLN B 154 -7.56 -6.51 -31.62
CA GLN B 154 -8.69 -7.45 -31.69
C GLN B 154 -8.51 -8.36 -32.89
N PRO B 155 -8.37 -9.69 -32.67
CA PRO B 155 -8.34 -10.39 -31.38
C PRO B 155 -7.00 -10.28 -30.69
N ALA B 156 -6.95 -10.52 -29.38
CA ALA B 156 -5.70 -10.44 -28.63
C ALA B 156 -4.75 -11.55 -29.08
N ASN B 157 -3.46 -11.26 -28.99
CA ASN B 157 -2.42 -12.21 -29.39
C ASN B 157 -1.23 -12.04 -28.47
N CYS B 158 -1.01 -13.02 -27.60
CA CYS B 158 0.09 -12.94 -26.64
C CYS B 158 1.46 -12.93 -27.30
N LYS B 159 1.58 -13.51 -28.50
CA LYS B 159 2.84 -13.42 -29.23
C LYS B 159 3.15 -11.98 -29.60
N VAL B 160 2.14 -11.22 -30.02
CA VAL B 160 2.34 -9.80 -30.34
C VAL B 160 2.78 -9.04 -29.11
N GLU B 161 2.12 -9.29 -27.97
CA GLU B 161 2.49 -8.59 -26.74
C GLU B 161 3.91 -8.92 -26.31
N SER B 162 4.28 -10.20 -26.38
CA SER B 162 5.63 -10.60 -25.98
C SER B 162 6.69 -10.01 -26.92
N LEU B 163 6.40 -9.98 -28.23
CA LEU B 163 7.34 -9.38 -29.17
C LEU B 163 7.46 -7.87 -28.94
N ALA B 164 6.35 -7.20 -28.64
CA ALA B 164 6.41 -5.77 -28.34
C ALA B 164 7.23 -5.51 -27.09
N MET B 165 7.06 -6.33 -26.05
CA MET B 165 7.88 -6.19 -24.86
C MET B 165 9.34 -6.45 -25.16
N PHE B 166 9.64 -7.45 -25.99
CA PHE B 166 11.02 -7.75 -26.36
C PHE B 166 11.67 -6.59 -27.09
N LEU B 167 10.94 -5.98 -28.03
CA LEU B 167 11.48 -4.83 -28.75
C LEU B 167 11.66 -3.62 -27.83
N GLY B 168 10.69 -3.38 -26.93
CA GLY B 168 10.84 -2.29 -25.98
C GLY B 168 12.02 -2.47 -25.05
N GLU B 169 12.31 -3.71 -24.66
CA GLU B 169 13.48 -3.97 -23.84
C GLU B 169 14.77 -3.85 -24.65
N LEU B 170 14.73 -4.25 -25.92
CA LEU B 170 15.89 -4.08 -26.79
C LEU B 170 16.24 -2.61 -26.93
N SER B 171 15.23 -1.75 -26.98
CA SER B 171 15.47 -0.31 -27.06
C SER B 171 16.16 0.24 -25.81
N LEU B 172 16.10 -0.48 -24.68
CA LEU B 172 16.70 0.01 -23.45
C LEU B 172 18.22 -0.05 -23.50
N ILE B 173 18.78 -1.03 -24.21
CA ILE B 173 20.23 -1.25 -24.16
C ILE B 173 20.98 -0.09 -24.79
N ASP B 174 20.53 0.37 -25.96
CA ASP B 174 21.24 1.38 -26.72
C ASP B 174 20.69 2.76 -26.38
N ALA B 175 21.53 3.62 -25.80
CA ALA B 175 21.14 5.00 -25.59
C ALA B 175 21.01 5.75 -26.90
N ASP B 176 21.86 5.41 -27.89
CA ASP B 176 21.76 5.98 -29.22
C ASP B 176 21.03 4.99 -30.12
N PRO B 177 19.92 5.38 -30.75
CA PRO B 177 19.27 6.69 -30.71
C PRO B 177 17.91 6.68 -30.00
N TYR B 178 17.73 5.91 -28.93
CA TYR B 178 16.46 5.88 -28.21
C TYR B 178 16.42 6.85 -27.04
N LEU B 179 17.43 7.68 -26.86
CA LEU B 179 17.35 8.74 -25.87
C LEU B 179 16.57 9.95 -26.39
N LYS B 180 16.39 10.05 -27.70
CA LYS B 180 15.67 11.16 -28.31
C LYS B 180 14.20 10.86 -28.55
N TYR B 181 13.73 9.68 -28.17
CA TYR B 181 12.34 9.29 -28.35
C TYR B 181 11.67 9.12 -26.99
N LEU B 182 10.44 9.60 -26.89
CA LEU B 182 9.66 9.43 -25.68
C LEU B 182 9.25 7.97 -25.53
N PRO B 183 8.96 7.53 -24.30
CA PRO B 183 8.50 6.14 -24.12
C PRO B 183 7.26 5.80 -24.91
N SER B 184 6.36 6.76 -25.11
CA SER B 184 5.14 6.49 -25.88
C SER B 184 5.47 6.21 -27.34
N VAL B 185 6.40 6.97 -27.92
CA VAL B 185 6.76 6.76 -29.31
C VAL B 185 7.44 5.40 -29.50
N ILE B 186 8.35 5.05 -28.61
CA ILE B 186 9.02 3.75 -28.70
C ILE B 186 8.02 2.63 -28.49
N ALA B 187 7.09 2.80 -27.56
CA ALA B 187 6.06 1.78 -27.34
C ALA B 187 5.18 1.61 -28.56
N ALA B 188 4.80 2.72 -29.21
CA ALA B 188 3.98 2.63 -30.40
C ALA B 188 4.73 1.95 -31.54
N ALA B 189 6.00 2.31 -31.74
CA ALA B 189 6.79 1.69 -32.79
C ALA B 189 6.98 0.19 -32.53
N ALA B 190 7.24 -0.18 -31.27
CA ALA B 190 7.39 -1.58 -30.92
C ALA B 190 6.10 -2.35 -31.13
N PHE B 191 4.96 -1.77 -30.74
CA PHE B 191 3.68 -2.43 -30.95
C PHE B 191 3.40 -2.64 -32.43
N HIS B 192 3.63 -1.61 -33.26
CA HIS B 192 3.39 -1.76 -34.68
C HIS B 192 4.32 -2.78 -35.31
N LEU B 193 5.59 -2.78 -34.91
CA LEU B 193 6.54 -3.76 -35.45
C LEU B 193 6.17 -5.17 -35.05
N ALA B 194 5.73 -5.37 -33.80
CA ALA B 194 5.29 -6.69 -33.37
C ALA B 194 4.06 -7.14 -34.13
N LEU B 195 3.09 -6.24 -34.33
CA LEU B 195 1.90 -6.58 -35.08
C LEU B 195 2.24 -6.97 -36.51
N TYR B 196 3.14 -6.21 -37.15
CA TYR B 196 3.53 -6.53 -38.52
C TYR B 196 4.29 -7.84 -38.59
N THR B 197 5.16 -8.10 -37.62
CA THR B 197 5.96 -9.32 -37.65
C THR B 197 5.11 -10.56 -37.42
N VAL B 198 4.15 -10.50 -36.50
CA VAL B 198 3.41 -11.70 -36.10
C VAL B 198 2.21 -11.91 -37.01
N THR B 199 1.28 -10.96 -37.02
CA THR B 199 0.03 -11.12 -37.74
C THR B 199 -0.01 -10.41 -39.08
N GLY B 200 0.98 -9.57 -39.38
CA GLY B 200 0.98 -8.82 -40.62
C GLY B 200 0.12 -7.58 -40.62
N GLN B 201 -0.47 -7.21 -39.48
CA GLN B 201 -1.32 -6.04 -39.39
C GLN B 201 -0.44 -4.79 -39.29
N SER B 202 -1.05 -3.65 -38.96
CA SER B 202 -0.34 -2.39 -38.88
C SER B 202 -0.82 -1.64 -37.63
N TRP B 203 -0.41 -0.39 -37.52
CA TRP B 203 -0.80 0.46 -36.41
C TRP B 203 -2.31 0.67 -36.43
N PRO B 204 -3.02 0.33 -35.36
CA PRO B 204 -4.49 0.35 -35.41
C PRO B 204 -5.05 1.76 -35.60
N GLU B 205 -6.21 1.83 -36.24
CA GLU B 205 -6.89 3.10 -36.42
C GLU B 205 -7.58 3.58 -35.14
N SER B 206 -7.82 2.69 -34.19
CA SER B 206 -8.33 3.10 -32.89
C SER B 206 -7.25 3.67 -31.99
N LEU B 207 -5.98 3.46 -32.32
CA LEU B 207 -4.87 3.98 -31.55
C LEU B 207 -4.32 5.29 -32.10
N VAL B 208 -4.46 5.52 -33.41
CA VAL B 208 -4.07 6.81 -33.96
C VAL B 208 -4.99 7.91 -33.45
N GLN B 209 -6.23 7.58 -33.13
CA GLN B 209 -7.14 8.55 -32.54
C GLN B 209 -6.83 8.78 -31.06
N LYS B 210 -6.42 7.72 -30.35
CA LYS B 210 -6.15 7.85 -28.92
C LYS B 210 -4.84 8.58 -28.67
N THR B 211 -3.80 8.26 -29.44
CA THR B 211 -2.47 8.82 -29.20
C THR B 211 -2.09 9.94 -30.16
N GLY B 212 -2.73 10.02 -31.32
CA GLY B 212 -2.33 10.99 -32.32
C GLY B 212 -1.13 10.60 -33.13
N TYR B 213 -0.64 9.37 -32.97
CA TYR B 213 0.54 8.89 -33.67
C TYR B 213 0.12 8.21 -34.96
N THR B 214 0.41 8.83 -36.09
CA THR B 214 0.23 8.19 -37.38
C THR B 214 1.48 7.40 -37.76
N LEU B 215 1.36 6.58 -38.80
CA LEU B 215 2.51 5.82 -39.27
C LEU B 215 3.59 6.72 -39.85
N GLU B 216 3.25 7.95 -40.23
CA GLU B 216 4.24 8.87 -40.78
C GLU B 216 5.14 9.44 -39.68
N THR B 217 4.57 9.80 -38.53
CA THR B 217 5.37 10.37 -37.45
C THR B 217 6.07 9.32 -36.60
N LEU B 218 5.70 8.04 -36.73
CA LEU B 218 6.42 6.96 -36.06
C LEU B 218 7.60 6.45 -36.88
N LYS B 219 7.76 6.92 -38.11
CA LYS B 219 8.79 6.40 -39.00
C LYS B 219 10.21 6.58 -38.46
N PRO B 220 10.61 7.75 -37.93
CA PRO B 220 12.00 7.86 -37.43
C PRO B 220 12.35 6.84 -36.36
N CYS B 221 11.43 6.54 -35.44
CA CYS B 221 11.68 5.52 -34.43
C CYS B 221 11.51 4.11 -35.01
N LEU B 222 10.57 3.94 -35.93
CA LEU B 222 10.32 2.63 -36.52
C LEU B 222 11.53 2.13 -37.30
N LEU B 223 12.20 3.02 -38.03
CA LEU B 223 13.37 2.61 -38.79
C LEU B 223 14.48 2.12 -37.88
N ASP B 224 14.75 2.85 -36.79
CA ASP B 224 15.78 2.42 -35.84
C ASP B 224 15.40 1.11 -35.15
N LEU B 225 14.13 0.97 -34.76
CA LEU B 225 13.70 -0.26 -34.11
C LEU B 225 13.83 -1.44 -35.06
N HIS B 226 13.48 -1.27 -36.33
CA HIS B 226 13.65 -2.33 -37.31
C HIS B 226 15.12 -2.66 -37.51
N GLN B 227 15.98 -1.64 -37.55
CA GLN B 227 17.41 -1.86 -37.76
C GLN B 227 18.01 -2.68 -36.63
N THR B 228 17.68 -2.33 -35.38
CA THR B 228 18.24 -3.10 -34.27
C THR B 228 17.47 -4.37 -33.96
N TYR B 229 16.30 -4.57 -34.55
CA TYR B 229 15.70 -5.90 -34.54
C TYR B 229 16.41 -6.81 -35.53
N LEU B 230 16.79 -6.29 -36.69
CA LEU B 230 17.55 -7.07 -37.65
C LEU B 230 18.94 -7.42 -37.11
N ARG B 231 19.55 -6.50 -36.36
CA ARG B 231 20.91 -6.67 -35.88
C ARG B 231 20.97 -7.27 -34.47
N ALA B 232 19.83 -7.70 -33.92
CA ALA B 232 19.83 -8.28 -32.59
C ALA B 232 20.72 -9.51 -32.45
N PRO B 233 20.73 -10.48 -33.38
CA PRO B 233 21.62 -11.64 -33.20
C PRO B 233 23.09 -11.28 -33.11
N GLN B 234 23.52 -10.23 -33.78
CA GLN B 234 24.94 -9.85 -33.80
C GLN B 234 25.31 -8.87 -32.70
N HIS B 235 24.37 -8.49 -31.83
CA HIS B 235 24.65 -7.53 -30.78
C HIS B 235 25.58 -8.14 -29.74
N ALA B 236 26.46 -7.31 -29.19
CA ALA B 236 27.36 -7.78 -28.13
C ALA B 236 26.59 -8.20 -26.89
N GLN B 237 25.56 -7.44 -26.52
CA GLN B 237 24.73 -7.74 -25.36
C GLN B 237 23.58 -8.63 -25.80
N GLN B 238 23.58 -9.87 -25.33
CA GLN B 238 22.61 -10.88 -25.76
C GLN B 238 21.75 -11.40 -24.62
N SER B 239 21.72 -10.69 -23.48
CA SER B 239 20.95 -11.18 -22.34
C SER B 239 19.44 -11.12 -22.62
N ILE B 240 18.99 -10.09 -23.33
CA ILE B 240 17.55 -9.97 -23.61
C ILE B 240 17.08 -11.06 -24.55
N ARG B 241 17.90 -11.40 -25.55
CA ARG B 241 17.54 -12.48 -26.46
C ARG B 241 17.42 -13.80 -25.71
N GLU B 242 18.34 -14.08 -24.79
CA GLU B 242 18.26 -15.29 -23.98
C GLU B 242 17.03 -15.26 -23.07
N LYS B 243 16.74 -14.09 -22.49
CA LYS B 243 15.59 -13.98 -21.59
C LYS B 243 14.28 -14.22 -22.33
N TYR B 244 14.17 -13.72 -23.55
CA TYR B 244 12.93 -13.84 -24.32
C TYR B 244 12.88 -15.09 -25.17
N LYS B 245 13.85 -15.99 -25.02
CA LYS B 245 13.78 -17.30 -25.65
C LYS B 245 12.91 -18.29 -24.85
N ASN B 246 12.55 -17.95 -23.63
CA ASN B 246 11.81 -18.86 -22.76
C ASN B 246 10.38 -19.03 -23.25
N SER B 247 9.76 -20.14 -22.84
CA SER B 247 8.41 -20.46 -23.27
C SER B 247 7.37 -19.53 -22.64
N LYS B 248 7.69 -18.90 -21.50
CA LYS B 248 6.77 -17.95 -20.91
C LYS B 248 6.61 -16.71 -21.78
N TYR B 249 7.63 -16.38 -22.57
CA TYR B 249 7.57 -15.27 -23.53
C TYR B 249 7.28 -15.75 -24.93
N HIS B 250 6.91 -17.02 -25.11
CA HIS B 250 6.54 -17.62 -26.38
C HIS B 250 7.70 -17.67 -27.38
N GLY B 251 8.93 -17.55 -26.89
CA GLY B 251 10.10 -17.63 -27.75
C GLY B 251 10.11 -16.60 -28.85
N VAL B 252 9.79 -15.36 -28.49
CA VAL B 252 9.65 -14.30 -29.50
C VAL B 252 11.02 -13.93 -30.08
N SER B 253 12.08 -14.02 -29.30
CA SER B 253 13.41 -13.71 -29.81
C SER B 253 13.88 -14.70 -30.86
N LEU B 254 13.22 -15.85 -30.98
CA LEU B 254 13.55 -16.84 -32.00
C LEU B 254 12.86 -16.57 -33.33
N LEU B 255 11.96 -15.61 -33.39
CA LEU B 255 11.27 -15.29 -34.63
C LEU B 255 12.22 -14.57 -35.59
N ASN B 256 11.82 -14.54 -36.86
CA ASN B 256 12.59 -13.88 -37.90
C ASN B 256 12.02 -12.48 -38.15
N PRO B 257 12.85 -11.44 -38.07
CA PRO B 257 12.34 -10.11 -38.37
C PRO B 257 11.93 -10.01 -39.83
N PRO B 258 10.95 -9.16 -40.15
CA PRO B 258 10.57 -8.97 -41.55
C PRO B 258 11.73 -8.45 -42.37
N GLU B 259 11.80 -8.89 -43.63
CA GLU B 259 12.89 -8.47 -44.50
C GLU B 259 12.83 -6.97 -44.75
N THR B 260 11.65 -6.44 -45.00
CA THR B 260 11.47 -5.00 -45.23
C THR B 260 10.18 -4.55 -44.58
N LEU B 261 10.10 -3.25 -44.30
CA LEU B 261 8.95 -2.66 -43.66
C LEU B 261 8.00 -2.09 -44.70
N ASN B 262 6.72 -2.44 -44.59
CA ASN B 262 5.70 -1.94 -45.51
C ASN B 262 5.17 -0.58 -45.03
N VAL B 263 6.09 0.36 -44.87
CA VAL B 263 5.75 1.70 -44.42
C VAL B 263 6.05 2.72 -45.51
N SER C 1 -18.53 -5.55 19.89
CA SER C 1 -19.02 -4.32 20.50
C SER C 1 -19.11 -4.45 22.01
N MET C 2 -20.30 -4.76 22.50
CA MET C 2 -20.53 -4.96 23.93
C MET C 2 -20.72 -6.42 24.29
N VAL C 3 -20.32 -7.33 23.41
CA VAL C 3 -20.37 -8.77 23.68
C VAL C 3 -19.03 -9.37 23.29
N ILE C 4 -18.69 -10.48 23.94
CA ILE C 4 -17.43 -11.17 23.67
C ILE C 4 -17.52 -11.85 22.31
N GLY C 5 -16.38 -12.36 21.83
CA GLY C 5 -16.28 -12.77 20.44
C GLY C 5 -17.25 -13.87 20.04
N ASP C 6 -17.64 -14.72 20.98
CA ASP C 6 -18.57 -15.81 20.67
C ASP C 6 -20.03 -15.39 20.83
N PHE C 7 -20.28 -14.12 21.17
CA PHE C 7 -21.64 -13.57 21.26
C PHE C 7 -22.48 -14.34 22.28
N SER C 8 -21.93 -14.53 23.48
CA SER C 8 -22.63 -15.22 24.55
C SER C 8 -22.83 -14.35 25.79
N LYS C 9 -21.94 -13.40 26.06
CA LYS C 9 -22.09 -12.51 27.21
C LYS C 9 -21.24 -11.27 26.95
N GLY C 10 -21.45 -10.26 27.79
CA GLY C 10 -20.72 -9.01 27.65
C GLY C 10 -19.33 -9.08 28.25
N TYR C 11 -18.57 -8.01 28.02
CA TYR C 11 -17.23 -7.91 28.56
C TYR C 11 -17.30 -7.64 30.06
N LEU C 12 -16.54 -8.42 30.84
CA LEU C 12 -16.58 -8.27 32.30
C LEU C 12 -15.88 -6.99 32.75
N PHE C 13 -14.70 -6.72 32.19
CA PHE C 13 -13.93 -5.57 32.63
C PHE C 13 -14.55 -4.26 32.18
N HIS C 14 -14.37 -3.22 32.99
CA HIS C 14 -14.82 -1.88 32.64
C HIS C 14 -13.95 -1.37 31.50
N THR C 15 -14.50 -1.39 30.29
CA THR C 15 -13.72 -1.04 29.11
C THR C 15 -13.40 0.45 29.08
N VAL C 16 -12.25 0.78 28.49
CA VAL C 16 -11.77 2.15 28.35
C VAL C 16 -11.53 2.43 26.87
N ALA C 17 -11.84 3.65 26.45
CA ALA C 17 -11.59 4.04 25.07
C ALA C 17 -10.08 4.05 24.78
N GLY C 18 -9.72 3.61 23.57
CA GLY C 18 -8.33 3.50 23.19
C GLY C 18 -8.11 4.03 21.79
N LYS C 19 -6.85 3.95 21.35
CA LYS C 19 -6.48 4.44 20.03
C LYS C 19 -7.17 3.66 18.93
N HIS C 20 -7.24 2.34 19.06
CA HIS C 20 -7.87 1.48 18.06
C HIS C 20 -9.29 1.18 18.50
N GLN C 21 -10.25 1.47 17.63
CA GLN C 21 -11.65 1.14 17.92
C GLN C 21 -11.94 -0.34 17.72
N ASP C 22 -11.06 -1.07 17.05
CA ASP C 22 -11.28 -2.50 16.84
C ASP C 22 -11.26 -3.26 18.15
N LEU C 23 -10.32 -2.93 19.03
CA LEU C 23 -10.08 -3.70 20.25
C LEU C 23 -10.72 -3.03 21.45
N LYS C 24 -10.69 -3.75 22.57
CA LYS C 24 -11.21 -3.26 23.84
C LYS C 24 -10.05 -3.08 24.81
N TYR C 25 -9.93 -1.87 25.36
CA TYR C 25 -8.82 -1.51 26.22
C TYR C 25 -9.24 -1.56 27.70
N ILE C 26 -8.25 -1.66 28.57
CA ILE C 26 -8.44 -1.53 30.00
C ILE C 26 -7.30 -0.69 30.56
N SER C 27 -7.64 0.26 31.43
CA SER C 27 -6.63 1.10 32.05
C SER C 27 -5.85 0.30 33.09
N PRO C 28 -4.66 0.76 33.46
CA PRO C 28 -3.85 0.01 34.43
C PRO C 28 -4.52 -0.18 35.78
N GLU C 29 -5.50 0.64 36.14
CA GLU C 29 -6.18 0.46 37.42
C GLU C 29 -6.94 -0.86 37.46
N ILE C 30 -7.58 -1.25 36.35
CA ILE C 30 -8.33 -2.50 36.33
C ILE C 30 -7.41 -3.69 36.53
N MET C 31 -6.28 -3.71 35.82
CA MET C 31 -5.37 -4.84 36.00
C MET C 31 -4.69 -4.81 37.36
N ALA C 32 -4.44 -3.61 37.90
CA ALA C 32 -3.89 -3.52 39.25
C ALA C 32 -4.85 -4.12 40.26
N SER C 33 -6.15 -3.84 40.11
CA SER C 33 -7.14 -4.45 41.00
C SER C 33 -7.24 -5.95 40.77
N VAL C 34 -7.13 -6.38 39.51
CA VAL C 34 -7.25 -7.80 39.20
C VAL C 34 -6.11 -8.60 39.82
N LEU C 35 -4.89 -8.09 39.69
CA LEU C 35 -3.75 -8.71 40.36
C LEU C 35 -3.82 -8.59 41.87
N ASN C 36 -4.68 -7.73 42.39
CA ASN C 36 -4.88 -7.57 43.83
C ASN C 36 -5.98 -8.48 44.37
N GLY C 37 -6.53 -9.35 43.54
CA GLY C 37 -7.59 -10.25 43.98
C GLY C 37 -8.95 -9.59 44.04
N LYS C 38 -9.45 -9.13 42.89
CA LYS C 38 -10.75 -8.47 42.82
C LYS C 38 -11.81 -9.28 42.08
N PHE C 39 -11.41 -10.19 41.19
CA PHE C 39 -12.33 -11.02 40.43
C PHE C 39 -11.91 -12.48 40.49
N ALA C 40 -11.57 -12.94 41.70
CA ALA C 40 -11.08 -14.31 41.86
C ALA C 40 -12.15 -15.33 41.49
N ASN C 41 -13.39 -15.09 41.92
CA ASN C 41 -14.46 -16.06 41.67
C ASN C 41 -14.96 -16.04 40.23
N LEU C 42 -14.95 -14.87 39.59
CA LEU C 42 -15.53 -14.70 38.26
C LEU C 42 -14.53 -14.91 37.14
N ILE C 43 -13.26 -15.16 37.44
CA ILE C 43 -12.23 -15.35 36.43
C ILE C 43 -11.51 -16.66 36.71
N LYS C 44 -11.46 -17.55 35.73
CA LYS C 44 -10.74 -18.80 35.89
C LYS C 44 -9.24 -18.61 35.68
N GLU C 45 -8.86 -18.00 34.56
CA GLU C 45 -7.47 -17.76 34.23
C GLU C 45 -7.30 -16.33 33.76
N PHE C 46 -6.14 -15.75 34.07
CA PHE C 46 -5.80 -14.40 33.66
C PHE C 46 -4.42 -14.43 33.03
N VAL C 47 -4.36 -14.24 31.72
CA VAL C 47 -3.11 -14.29 30.97
C VAL C 47 -2.70 -12.87 30.60
N ILE C 48 -1.45 -12.52 30.88
CA ILE C 48 -0.90 -11.21 30.56
C ILE C 48 0.29 -11.45 29.65
N ILE C 49 0.07 -11.42 28.33
CA ILE C 49 1.15 -11.60 27.37
C ILE C 49 1.89 -10.28 27.22
N ASP C 50 3.20 -10.32 27.48
CA ASP C 50 4.08 -9.16 27.33
C ASP C 50 4.67 -9.21 25.93
N CYS C 51 4.03 -8.51 25.00
CA CYS C 51 4.42 -8.58 23.59
C CYS C 51 5.71 -7.83 23.29
N ARG C 52 6.46 -7.39 24.29
CA ARG C 52 7.70 -6.68 24.06
C ARG C 52 8.85 -7.65 23.81
N TYR C 53 9.96 -7.12 23.34
CA TYR C 53 11.14 -7.93 23.07
C TYR C 53 11.75 -8.43 24.38
N PRO C 54 12.44 -9.57 24.35
CA PRO C 54 12.97 -10.15 25.60
C PRO C 54 13.88 -9.22 26.38
N TYR C 55 14.67 -8.38 25.70
CA TYR C 55 15.52 -7.45 26.42
C TYR C 55 14.70 -6.40 27.16
N GLU C 56 13.47 -6.13 26.71
CA GLU C 56 12.56 -5.34 27.52
C GLU C 56 11.98 -6.15 28.67
N TYR C 57 11.70 -7.44 28.42
CA TYR C 57 11.16 -8.30 29.46
C TYR C 57 12.10 -8.38 30.65
N GLU C 58 13.40 -8.52 30.40
CA GLU C 58 14.38 -8.59 31.48
C GLU C 58 14.53 -7.26 32.21
N GLY C 59 14.07 -6.17 31.62
CA GLY C 59 14.22 -4.85 32.23
C GLY C 59 13.01 -4.40 33.03
N GLY C 60 12.15 -5.34 33.40
CA GLY C 60 10.97 -4.98 34.19
C GLY C 60 9.69 -5.41 33.48
N HIS C 61 8.81 -6.05 34.25
CA HIS C 61 7.57 -6.58 33.69
C HIS C 61 6.56 -6.81 34.81
N ILE C 62 5.32 -7.00 34.41
CA ILE C 62 4.25 -7.29 35.36
C ILE C 62 4.43 -8.71 35.92
N LYS C 63 4.08 -8.88 37.19
CA LYS C 63 4.14 -10.20 37.81
C LYS C 63 3.18 -11.15 37.11
N GLY C 64 3.68 -12.37 36.84
CA GLY C 64 2.88 -13.38 36.19
C GLY C 64 2.76 -13.23 34.69
N ALA C 65 3.43 -12.24 34.09
CA ALA C 65 3.35 -12.03 32.66
C ALA C 65 4.27 -13.00 31.92
N VAL C 66 3.89 -13.30 30.68
CA VAL C 66 4.66 -14.18 29.80
C VAL C 66 5.05 -13.37 28.58
N ASN C 67 6.35 -13.39 28.25
CA ASN C 67 6.86 -12.63 27.12
C ASN C 67 6.74 -13.47 25.85
N LEU C 68 5.94 -12.98 24.89
CA LEU C 68 5.74 -13.66 23.61
C LEU C 68 5.77 -12.57 22.54
N HIS C 69 6.96 -12.34 21.99
CA HIS C 69 7.18 -11.26 21.02
C HIS C 69 7.02 -11.73 19.58
N MET C 70 6.72 -13.00 19.35
CA MET C 70 6.57 -13.54 18.00
C MET C 70 5.22 -14.22 17.87
N GLU C 71 4.64 -14.11 16.68
CA GLU C 71 3.31 -14.67 16.45
C GLU C 71 3.30 -16.18 16.62
N GLU C 72 4.35 -16.85 16.14
CA GLU C 72 4.45 -18.29 16.30
C GLU C 72 4.48 -18.70 17.78
N GLU C 73 5.21 -17.93 18.59
CA GLU C 73 5.27 -18.23 20.02
C GLU C 73 3.90 -18.09 20.67
N VAL C 74 3.15 -17.04 20.31
CA VAL C 74 1.83 -16.85 20.90
C VAL C 74 0.88 -17.96 20.45
N GLU C 75 0.95 -18.34 19.18
CA GLU C 75 0.10 -19.44 18.70
C GLU C 75 0.44 -20.74 19.42
N ASP C 76 1.74 -20.99 19.64
CA ASP C 76 2.14 -22.19 20.38
C ASP C 76 1.63 -22.16 21.82
N PHE C 77 1.74 -21.00 22.47
CA PHE C 77 1.40 -20.92 23.89
C PHE C 77 -0.09 -20.91 24.15
N LEU C 78 -0.89 -20.32 23.26
CA LEU C 78 -2.31 -20.09 23.52
C LEU C 78 -3.22 -21.07 22.81
N LEU C 79 -2.95 -21.40 21.55
CA LEU C 79 -3.91 -22.13 20.73
C LEU C 79 -3.59 -23.61 20.55
N LYS C 80 -2.31 -24.00 20.66
CA LYS C 80 -1.98 -25.41 20.54
C LYS C 80 -2.60 -26.22 21.69
N LYS C 81 -2.54 -25.69 22.90
CA LYS C 81 -3.14 -26.31 24.08
C LYS C 81 -3.99 -25.25 24.76
N PRO C 82 -5.22 -25.04 24.29
CA PRO C 82 -6.05 -23.98 24.84
C PRO C 82 -6.49 -24.28 26.28
N ILE C 83 -6.61 -23.22 27.06
CA ILE C 83 -7.04 -23.31 28.45
C ILE C 83 -8.56 -23.52 28.43
N VAL C 84 -8.99 -24.75 28.69
CA VAL C 84 -10.40 -25.11 28.59
C VAL C 84 -11.19 -24.43 29.70
N PRO C 85 -12.21 -23.64 29.38
CA PRO C 85 -13.02 -23.01 30.42
C PRO C 85 -14.19 -23.88 30.83
N THR C 86 -15.01 -23.39 31.75
CA THR C 86 -16.21 -24.10 32.19
C THR C 86 -17.25 -23.09 32.60
N ASP C 87 -18.43 -23.58 32.98
CA ASP C 87 -19.52 -22.72 33.39
C ASP C 87 -19.18 -21.97 34.68
N GLY C 88 -19.64 -20.73 34.76
CA GLY C 88 -19.44 -19.91 35.94
C GLY C 88 -18.14 -19.13 35.98
N LYS C 89 -17.24 -19.35 35.02
CA LYS C 89 -15.96 -18.64 34.99
C LYS C 89 -15.61 -18.34 33.54
N ARG C 90 -14.72 -17.36 33.37
CA ARG C 90 -14.31 -16.90 32.05
C ARG C 90 -12.79 -16.83 31.99
N VAL C 91 -12.26 -16.95 30.78
CA VAL C 91 -10.82 -16.86 30.53
C VAL C 91 -10.56 -15.53 29.83
N ILE C 92 -9.76 -14.67 30.47
CA ILE C 92 -9.47 -13.33 29.98
C ILE C 92 -8.00 -13.27 29.63
N VAL C 93 -7.69 -12.78 28.43
CA VAL C 93 -6.31 -12.66 27.96
C VAL C 93 -6.03 -11.20 27.70
N VAL C 94 -4.98 -10.67 28.33
CA VAL C 94 -4.63 -9.26 28.24
C VAL C 94 -3.27 -9.15 27.55
N PHE C 95 -3.21 -8.41 26.46
CA PHE C 95 -1.98 -8.10 25.77
C PHE C 95 -1.51 -6.69 26.12
N HIS C 96 -0.20 -6.48 26.02
CA HIS C 96 0.36 -5.16 26.25
C HIS C 96 1.75 -5.09 25.64
N SER C 97 2.25 -3.87 25.51
CA SER C 97 3.60 -3.62 25.03
C SER C 97 4.09 -2.35 25.71
N GLU C 98 5.15 -1.75 25.16
CA GLU C 98 5.71 -0.55 25.78
C GLU C 98 4.69 0.58 25.82
N PHE C 99 3.97 0.79 24.72
CA PHE C 99 2.93 1.81 24.66
C PHE C 99 1.58 1.26 24.23
N SER C 100 1.48 -0.03 23.92
CA SER C 100 0.23 -0.67 23.48
C SER C 100 -0.36 0.05 22.27
N SER C 101 0.49 0.36 21.30
CA SER C 101 0.05 1.03 20.09
C SER C 101 0.34 0.25 18.82
N GLU C 102 1.44 -0.50 18.75
CA GLU C 102 1.76 -1.26 17.56
C GLU C 102 1.86 -2.76 17.81
N ARG C 103 2.57 -3.18 18.85
CA ARG C 103 2.86 -4.60 19.05
C ARG C 103 1.74 -5.35 19.76
N GLY C 104 1.27 -4.83 20.89
CA GLY C 104 0.22 -5.46 21.64
C GLY C 104 -1.08 -5.60 20.87
N PRO C 105 -1.55 -4.51 20.25
CA PRO C 105 -2.72 -4.63 19.36
C PRO C 105 -2.53 -5.61 18.22
N ARG C 106 -1.33 -5.65 17.63
CA ARG C 106 -1.08 -6.58 16.54
C ARG C 106 -1.16 -8.03 17.01
N MET C 107 -0.59 -8.30 18.19
CA MET C 107 -0.67 -9.66 18.73
C MET C 107 -2.10 -10.03 19.08
N CYS C 108 -2.88 -9.08 19.62
CA CYS C 108 -4.28 -9.36 19.94
C CYS C 108 -5.06 -9.68 18.67
N ARG C 109 -4.86 -8.90 17.62
CA ARG C 109 -5.53 -9.17 16.35
C ARG C 109 -5.12 -10.53 15.78
N TYR C 110 -3.83 -10.86 15.87
CA TYR C 110 -3.37 -12.14 15.35
C TYR C 110 -4.00 -13.30 16.12
N VAL C 111 -4.08 -13.17 17.44
CA VAL C 111 -4.68 -14.23 18.24
C VAL C 111 -6.15 -14.41 17.89
N ARG C 112 -6.87 -13.30 17.72
CA ARG C 112 -8.28 -13.40 17.34
C ARG C 112 -8.43 -14.05 15.97
N GLU C 113 -7.57 -13.66 15.01
CA GLU C 113 -7.67 -14.23 13.66
C GLU C 113 -7.39 -15.73 13.68
N ARG C 114 -6.35 -16.15 14.40
CA ARG C 114 -6.02 -17.57 14.45
C ARG C 114 -7.06 -18.36 15.22
N ASP C 115 -7.68 -17.77 16.23
CA ASP C 115 -8.75 -18.45 16.95
C ASP C 115 -9.97 -18.61 16.05
N ARG C 116 -10.29 -17.60 15.23
CA ARG C 116 -11.40 -17.73 14.30
C ARG C 116 -11.12 -18.78 13.23
N LEU C 117 -9.89 -18.82 12.73
CA LEU C 117 -9.55 -19.77 11.67
C LEU C 117 -9.67 -21.22 12.14
N GLY C 118 -9.22 -21.49 13.36
CA GLY C 118 -9.17 -22.86 13.85
C GLY C 118 -10.44 -23.41 14.44
N ASN C 119 -11.51 -22.63 14.50
CA ASN C 119 -12.77 -23.06 15.10
C ASN C 119 -13.89 -22.92 14.09
N GLU C 120 -15.10 -23.24 14.53
CA GLU C 120 -16.31 -23.05 13.74
C GLU C 120 -17.06 -21.83 14.23
N TYR C 121 -17.45 -20.98 13.27
CA TYR C 121 -18.11 -19.72 13.66
C TYR C 121 -19.33 -20.06 14.49
N PRO C 122 -19.68 -19.29 15.54
CA PRO C 122 -18.83 -18.24 16.12
C PRO C 122 -18.06 -18.72 17.36
N LYS C 123 -17.81 -20.01 17.50
CA LYS C 123 -17.11 -20.51 18.68
C LYS C 123 -15.66 -20.02 18.70
N LEU C 124 -15.21 -19.61 19.88
CA LEU C 124 -13.85 -19.12 20.06
C LEU C 124 -13.27 -19.72 21.32
N HIS C 125 -11.95 -19.97 21.30
CA HIS C 125 -11.27 -20.47 22.48
C HIS C 125 -11.03 -19.37 23.49
N TYR C 126 -10.73 -18.16 23.02
CA TYR C 126 -10.47 -17.00 23.88
C TYR C 126 -11.37 -15.86 23.43
N PRO C 127 -12.63 -15.85 23.88
CA PRO C 127 -13.55 -14.80 23.47
C PRO C 127 -13.31 -13.45 24.14
N GLU C 128 -12.48 -13.39 25.17
CA GLU C 128 -12.26 -12.15 25.92
C GLU C 128 -10.78 -11.78 25.82
N LEU C 129 -10.47 -10.85 24.92
CA LEU C 129 -9.14 -10.31 24.74
C LEU C 129 -9.18 -8.82 25.02
N TYR C 130 -8.25 -8.35 25.84
CA TYR C 130 -8.10 -6.94 26.16
C TYR C 130 -6.69 -6.48 25.83
N VAL C 131 -6.52 -5.17 25.68
CA VAL C 131 -5.21 -4.56 25.54
C VAL C 131 -5.06 -3.54 26.66
N LEU C 132 -3.95 -3.63 27.40
CA LEU C 132 -3.70 -2.71 28.50
C LEU C 132 -3.53 -1.29 27.95
N LYS C 133 -4.36 -0.37 28.43
CA LYS C 133 -4.36 0.99 27.90
C LYS C 133 -3.11 1.73 28.34
N GLY C 134 -2.44 2.37 27.38
CA GLY C 134 -1.25 3.14 27.65
C GLY C 134 0.04 2.35 27.63
N GLY C 135 -0.03 1.03 27.51
CA GLY C 135 1.16 0.21 27.47
C GLY C 135 1.75 -0.04 28.85
N TYR C 136 2.95 -0.62 28.84
CA TYR C 136 3.65 -0.91 30.07
C TYR C 136 4.12 0.36 30.77
N LYS C 137 4.30 1.47 30.04
CA LYS C 137 4.77 2.70 30.65
C LYS C 137 3.79 3.21 31.70
N GLU C 138 2.51 3.26 31.35
CA GLU C 138 1.50 3.77 32.29
C GLU C 138 1.35 2.83 33.48
N PHE C 139 1.43 1.53 33.25
CA PHE C 139 1.38 0.58 34.36
C PHE C 139 2.57 0.76 35.30
N PHE C 140 3.76 1.00 34.73
CA PHE C 140 4.92 1.25 35.57
C PHE C 140 4.76 2.54 36.37
N MET C 141 4.22 3.59 35.74
CA MET C 141 4.02 4.84 36.45
C MET C 141 3.00 4.71 37.58
N LYS C 142 1.92 3.98 37.34
CA LYS C 142 0.84 3.91 38.32
C LYS C 142 0.87 2.67 39.21
N CYS C 143 1.51 1.59 38.77
CA CYS C 143 1.51 0.32 39.50
C CYS C 143 2.92 -0.24 39.60
N GLN C 144 3.86 0.60 40.03
CA GLN C 144 5.25 0.17 40.17
C GLN C 144 5.41 -0.93 41.22
N SER C 145 4.42 -1.12 42.09
CA SER C 145 4.52 -2.15 43.11
C SER C 145 4.58 -3.54 42.50
N TYR C 146 3.80 -3.79 41.44
CA TYR C 146 3.67 -5.11 40.85
C TYR C 146 4.71 -5.40 39.78
N CYS C 147 5.54 -4.42 39.41
CA CYS C 147 6.53 -4.59 38.35
C CYS C 147 7.84 -5.08 38.96
N GLU C 148 8.11 -6.38 38.82
CA GLU C 148 9.37 -6.96 39.27
C GLU C 148 10.22 -7.34 38.07
N PRO C 149 11.41 -6.75 37.90
CA PRO C 149 12.04 -5.73 38.73
C PRO C 149 11.48 -4.34 38.46
N PRO C 150 11.47 -3.46 39.46
CA PRO C 150 10.94 -2.11 39.24
C PRO C 150 11.86 -1.26 38.36
N SER C 151 11.84 -1.54 37.06
CA SER C 151 12.66 -0.81 36.11
C SER C 151 11.92 -0.69 34.78
N TYR C 152 12.34 0.27 33.96
CA TYR C 152 11.69 0.49 32.64
C TYR C 152 12.77 0.58 31.56
N ARG C 153 12.78 -0.37 30.64
CA ARG C 153 13.76 -0.43 29.55
C ARG C 153 13.07 -0.05 28.24
N PRO C 154 13.31 1.14 27.71
CA PRO C 154 12.66 1.53 26.45
C PRO C 154 13.15 0.71 25.28
N MET C 155 12.28 0.61 24.27
CA MET C 155 12.65 -0.11 23.05
C MET C 155 13.82 0.58 22.35
N HIS C 156 13.76 1.91 22.23
CA HIS C 156 14.82 2.67 21.58
C HIS C 156 15.86 3.14 22.59
N HIS C 157 16.38 2.19 23.36
CA HIS C 157 17.48 2.46 24.28
C HIS C 157 18.78 2.59 23.51
N GLU C 158 19.70 3.38 24.05
CA GLU C 158 21.03 3.50 23.44
C GLU C 158 21.77 2.17 23.46
N ASP C 159 21.40 1.27 24.37
CA ASP C 159 21.90 -0.09 24.38
C ASP C 159 20.85 -1.01 23.75
N PHE C 160 21.27 -2.25 23.46
CA PHE C 160 20.42 -3.28 22.88
C PHE C 160 19.88 -2.87 21.50
N LYS C 161 20.51 -1.90 20.84
CA LYS C 161 20.05 -1.47 19.52
C LYS C 161 20.22 -2.59 18.50
N GLU C 162 21.34 -3.32 18.57
CA GLU C 162 21.54 -4.45 17.67
C GLU C 162 20.48 -5.52 17.88
N ASP C 163 20.12 -5.78 19.14
CA ASP C 163 19.06 -6.75 19.43
C ASP C 163 17.74 -6.29 18.85
N LEU C 164 17.42 -5.00 18.98
CA LEU C 164 16.17 -4.49 18.42
C LEU C 164 16.14 -4.62 16.91
N LYS C 165 17.26 -4.30 16.25
CA LYS C 165 17.32 -4.44 14.79
C LYS C 165 17.17 -5.89 14.37
N LYS C 166 17.81 -6.81 15.11
CA LYS C 166 17.71 -8.23 14.78
C LYS C 166 16.27 -8.74 14.94
N PHE C 167 15.60 -8.32 16.01
CA PHE C 167 14.22 -8.73 16.23
C PHE C 167 13.29 -8.16 15.16
N ARG C 168 13.49 -6.90 14.79
CA ARG C 168 12.70 -6.32 13.71
C ARG C 168 12.94 -7.06 12.40
N THR C 169 14.19 -7.42 12.11
CA THR C 169 14.50 -8.18 10.91
C THR C 169 13.80 -9.54 10.93
N LYS C 170 13.81 -10.21 12.08
CA LYS C 170 13.15 -11.51 12.19
C LYS C 170 11.64 -11.38 11.95
N SER C 171 11.01 -10.35 12.55
CA SER C 171 9.58 -10.15 12.34
C SER C 171 9.28 -9.86 10.88
N ARG C 172 10.08 -9.00 10.24
CA ARG C 172 9.85 -8.66 8.85
C ARG C 172 10.01 -9.89 7.95
N THR C 173 11.04 -10.70 8.21
CA THR C 173 11.27 -11.89 7.40
C THR C 173 10.12 -12.89 7.56
N TRP C 174 9.66 -13.10 8.79
CA TRP C 174 8.56 -14.02 9.01
C TRP C 174 7.28 -13.54 8.31
N ALA C 175 6.98 -12.25 8.44
CA ALA C 175 5.79 -11.72 7.79
C ALA C 175 5.87 -11.84 6.28
N GLY C 176 7.04 -11.52 5.71
CA GLY C 176 7.19 -11.63 4.27
C GLY C 176 7.08 -13.05 3.76
N GLU C 177 7.69 -14.01 4.48
CA GLU C 177 7.59 -15.40 4.07
C GLU C 177 6.16 -15.90 4.16
N LYS C 178 5.45 -15.55 5.24
CA LYS C 178 4.06 -15.95 5.36
C LYS C 178 3.21 -15.35 4.24
N SER C 179 3.43 -14.08 3.92
CA SER C 179 2.67 -13.43 2.86
C SER C 179 2.93 -14.08 1.52
N LYS C 180 4.20 -14.39 1.22
CA LYS C 180 4.52 -15.03 -0.05
C LYS C 180 3.90 -16.42 -0.15
N ARG C 181 3.96 -17.19 0.95
CA ARG C 181 3.38 -18.52 0.93
C ARG C 181 1.86 -18.46 0.74
N GLU C 182 1.20 -17.53 1.43
CA GLU C 182 -0.24 -17.37 1.25
C GLU C 182 -0.58 -16.94 -0.16
N MET C 183 0.22 -16.04 -0.74
CA MET C 183 -0.04 -15.58 -2.10
C MET C 183 0.11 -16.72 -3.09
N TYR C 184 1.13 -17.56 -2.93
CA TYR C 184 1.30 -18.70 -3.81
C TYR C 184 0.13 -19.69 -3.66
N SER C 185 -0.28 -19.95 -2.42
CA SER C 185 -1.41 -20.85 -2.21
C SER C 185 -2.70 -20.31 -2.82
N ARG C 186 -2.88 -18.99 -2.80
CA ARG C 186 -4.05 -18.39 -3.42
C ARG C 186 -3.99 -18.47 -4.94
N LEU C 187 -2.83 -18.14 -5.52
CA LEU C 187 -2.70 -18.10 -6.97
C LEU C 187 -2.66 -19.48 -7.60
N LYS C 188 -2.31 -20.52 -6.83
CA LYS C 188 -2.32 -21.87 -7.37
C LYS C 188 -3.73 -22.45 -7.48
N LYS C 189 -4.70 -21.85 -6.79
CA LYS C 189 -6.08 -22.34 -6.80
C LYS C 189 -7.06 -21.17 -6.97
N LEU C 190 -6.72 -20.23 -7.85
CA LEU C 190 -7.57 -19.07 -8.09
C LEU C 190 -8.80 -19.46 -8.92
#